data_6WM7
#
_entry.id   6WM7
#
_cell.length_a   84.339
_cell.length_b   90.607
_cell.length_c   165.266
_cell.angle_alpha   90.000
_cell.angle_beta   90.000
_cell.angle_gamma   90.000
#
_symmetry.space_group_name_H-M   'P 21 21 21'
#
loop_
_entity.id
_entity.type
_entity.pdbx_description
1 polymer 'Extracellular solute-binding protein, family 5'
2 non-polymer 1,2-ETHANEDIOL
3 non-polymer 'SULFATE ION'
4 water water
#
_entity_poly.entity_id   1
_entity_poly.type   'polypeptide(L)'
_entity_poly.pdbx_seq_one_letter_code
;MNIRLHGLTTILSALVVLTAPTAVLAQDNLVTGELITTVNSGTPGKGGEVTFAVTRDITNWNVTSALGNNAVVRTVTLPI
VPSAFMVQPDFTLKMNTDLLESAELTSTDPQTVVYRIREDAVWSDGVPITGDDFIYFWKTQNRRDCPECLINASYGHDFI
ETLEQDETGKVVTATFSEPFLGWQGLFMFLYPAHLAEKHGDIAESYNNFLSNEVPAWSGGPYMVESFDPGQLVTLVPNPK
WYGEKGPYLDKLKFRIITDSTQQLTALENGEVDVIYPQGATQDMVEQAAGLDYLGIDFQMNPSANWYFMGLNSKAGPMSD
IALRKAVLTAIDAGDLKAKTADPYLRNWPHMGSVMFLPNQAGYADRRGARGYGTGDVEKAKGILSEAGYKLSGGSLLDPS
GKPVSTLRLSFPPGYPAANDMARLITGYIAPLGLKTDLLTGPNATADYLLSGNFDLHLNYFSQQVFPAVKAGQIFLRDTR
QNYFGFNDPKIEEIIGKAAAASSIEESAAILSEADELAMDYAALFPIYQLPTALIYKEAILNLRDNPNQLGPAYNTAEWG
LAELEHHHHHH
;
_entity_poly.pdbx_strand_id   A,B
#
loop_
_chem_comp.id
_chem_comp.type
_chem_comp.name
_chem_comp.formula
EDO non-polymer 1,2-ETHANEDIOL 'C2 H6 O2'
SO4 non-polymer 'SULFATE ION' 'O4 S -2'
#
# COMPACT_ATOMS: atom_id res chain seq x y z
N VAL A 31 12.95 -5.15 14.55
CA VAL A 31 12.95 -5.14 13.08
C VAL A 31 12.32 -6.43 12.56
N THR A 32 11.30 -6.28 11.72
CA THR A 32 10.58 -7.44 11.20
C THR A 32 10.54 -7.41 9.68
N GLY A 33 10.50 -8.59 9.10
CA GLY A 33 10.35 -8.71 7.67
C GLY A 33 8.92 -8.81 7.18
N GLU A 34 7.95 -8.72 8.08
CA GLU A 34 6.55 -8.74 7.69
C GLU A 34 6.07 -7.34 7.38
N LEU A 35 5.30 -7.22 6.30
CA LEU A 35 4.56 -6.01 5.96
C LEU A 35 3.11 -6.19 6.39
N ILE A 36 2.34 -5.10 6.38
CA ILE A 36 0.94 -5.22 6.80
C ILE A 36 0.20 -6.25 5.94
N THR A 37 0.63 -6.45 4.71
CA THR A 37 -0.03 -7.38 3.81
C THR A 37 0.49 -8.81 3.93
N THR A 38 1.60 -9.03 4.64
CA THR A 38 2.19 -10.37 4.75
C THR A 38 2.33 -10.87 6.19
N VAL A 39 1.83 -10.13 7.18
CA VAL A 39 1.86 -10.60 8.57
C VAL A 39 1.31 -12.02 8.64
N ASN A 40 1.97 -12.88 9.43
CA ASN A 40 1.48 -14.24 9.72
C ASN A 40 1.22 -15.06 8.45
N SER A 41 2.21 -15.07 7.55
CA SER A 41 2.12 -15.88 6.35
C SER A 41 2.70 -17.27 6.60
N GLY A 42 2.11 -18.27 5.98
CA GLY A 42 2.67 -19.62 6.04
C GLY A 42 1.90 -20.57 5.17
N THR A 43 2.35 -21.83 5.18
CA THR A 43 1.68 -22.88 4.42
C THR A 43 1.07 -23.85 5.42
N PRO A 44 -0.23 -23.84 5.63
CA PRO A 44 -0.82 -24.69 6.66
C PRO A 44 -0.95 -26.14 6.18
N GLY A 45 -1.21 -27.02 7.15
CA GLY A 45 -1.64 -28.37 6.85
C GLY A 45 -3.08 -28.40 6.37
N LYS A 46 -3.52 -29.59 5.95
CA LYS A 46 -4.87 -29.80 5.48
C LYS A 46 -5.72 -30.40 6.60
N GLY A 47 -6.87 -29.79 6.84
CA GLY A 47 -7.82 -30.27 7.82
C GLY A 47 -7.83 -29.40 9.07
N GLY A 48 -8.77 -29.73 9.95
CA GLY A 48 -8.95 -28.98 11.17
C GLY A 48 -10.10 -28.01 11.07
N GLU A 49 -10.17 -27.13 12.07
CA GLU A 49 -11.24 -26.14 12.08
C GLU A 49 -10.80 -24.92 12.86
N VAL A 50 -11.47 -23.81 12.57
CA VAL A 50 -11.28 -22.51 13.20
C VAL A 50 -12.64 -21.98 13.58
N THR A 51 -12.78 -21.47 14.81
CA THR A 51 -13.98 -20.79 15.27
C THR A 51 -13.65 -19.32 15.55
N PHE A 52 -14.42 -18.42 14.94
CA PHE A 52 -14.23 -16.98 14.98
C PHE A 52 -15.44 -16.37 15.67
N ALA A 53 -15.21 -15.60 16.74
CA ALA A 53 -16.33 -15.00 17.46
C ALA A 53 -16.87 -13.79 16.73
N VAL A 54 -18.19 -13.67 16.69
CA VAL A 54 -18.87 -12.48 16.18
C VAL A 54 -19.87 -11.99 17.20
N THR A 55 -20.13 -10.67 17.18
CA THR A 55 -20.84 -10.03 18.27
C THR A 55 -22.29 -9.69 17.95
N ARG A 56 -22.83 -10.18 16.83
CA ARG A 56 -24.23 -10.00 16.48
C ARG A 56 -24.80 -11.33 16.02
N ASP A 57 -26.05 -11.61 16.38
CA ASP A 57 -26.80 -12.67 15.72
C ASP A 57 -27.04 -12.31 14.27
N ILE A 58 -27.21 -13.34 13.43
CA ILE A 58 -27.48 -13.14 12.01
C ILE A 58 -28.98 -13.22 11.81
N THR A 59 -29.61 -12.09 11.48
CA THR A 59 -31.02 -12.04 11.12
C THR A 59 -31.22 -11.57 9.69
N ASN A 60 -30.14 -11.27 8.97
CA ASN A 60 -30.18 -10.83 7.58
C ASN A 60 -28.84 -11.28 6.99
N TRP A 61 -28.89 -12.03 5.89
CA TRP A 61 -27.71 -12.61 5.28
C TRP A 61 -27.18 -11.83 4.09
N ASN A 62 -27.73 -10.64 3.82
CA ASN A 62 -27.45 -9.86 2.62
C ASN A 62 -26.75 -8.58 3.03
N VAL A 63 -25.42 -8.60 3.01
CA VAL A 63 -24.65 -7.47 3.50
C VAL A 63 -24.90 -6.21 2.71
N THR A 64 -25.41 -6.33 1.47
CA THR A 64 -25.66 -5.14 0.67
C THR A 64 -27.00 -4.49 0.99
N SER A 65 -27.86 -5.14 1.79
CA SER A 65 -29.14 -4.57 2.19
C SER A 65 -28.93 -3.63 3.37
N ALA A 66 -29.89 -2.73 3.56
CA ALA A 66 -29.78 -1.81 4.70
C ALA A 66 -29.74 -2.59 6.01
N LEU A 67 -30.59 -3.63 6.13
CA LEU A 67 -30.67 -4.39 7.37
C LEU A 67 -29.51 -5.37 7.57
N GLY A 68 -28.77 -5.69 6.51
CA GLY A 68 -27.62 -6.56 6.63
C GLY A 68 -26.29 -5.86 6.62
N ASN A 69 -26.27 -4.53 6.58
CA ASN A 69 -25.04 -3.77 6.41
C ASN A 69 -24.34 -3.57 7.77
N ASN A 70 -23.56 -4.58 8.16
CA ASN A 70 -22.67 -4.44 9.32
C ASN A 70 -21.50 -5.40 9.18
N ALA A 71 -20.50 -5.20 10.04
CA ALA A 71 -19.26 -5.97 9.91
C ALA A 71 -19.47 -7.45 10.20
N VAL A 72 -20.48 -7.82 10.99
CA VAL A 72 -20.69 -9.23 11.29
C VAL A 72 -21.21 -9.97 10.04
N VAL A 73 -22.24 -9.42 9.39
CA VAL A 73 -22.74 -10.05 8.18
C VAL A 73 -21.66 -10.08 7.09
N ARG A 74 -20.89 -8.99 6.98
CA ARG A 74 -19.82 -8.94 5.99
C ARG A 74 -18.79 -10.03 6.24
N THR A 75 -18.39 -10.22 7.50
CA THR A 75 -17.40 -11.22 7.86
C THR A 75 -17.92 -12.63 7.61
N VAL A 76 -19.17 -12.90 8.02
CA VAL A 76 -19.69 -14.25 7.91
C VAL A 76 -19.95 -14.64 6.47
N THR A 77 -20.28 -13.68 5.60
CA THR A 77 -20.60 -14.05 4.22
C THR A 77 -19.46 -13.81 3.23
N LEU A 78 -18.38 -13.15 3.63
CA LEU A 78 -17.23 -13.05 2.73
C LEU A 78 -16.73 -14.40 2.23
N PRO A 79 -16.78 -15.49 3.02
CA PRO A 79 -16.30 -16.79 2.51
C PRO A 79 -17.20 -17.41 1.45
N ILE A 80 -18.42 -16.89 1.23
CA ILE A 80 -19.34 -17.48 0.25
C ILE A 80 -19.67 -16.55 -0.91
N VAL A 81 -19.41 -15.24 -0.81
CA VAL A 81 -19.79 -14.27 -1.82
C VAL A 81 -18.55 -13.94 -2.66
N PRO A 82 -18.61 -14.09 -3.97
CA PRO A 82 -17.48 -13.63 -4.80
C PRO A 82 -17.50 -12.11 -5.00
N SER A 83 -16.28 -11.55 -5.10
CA SER A 83 -16.07 -10.10 -5.22
C SER A 83 -15.20 -9.79 -6.43
N ALA A 84 -15.52 -8.71 -7.16
CA ALA A 84 -14.65 -8.32 -8.27
C ALA A 84 -13.28 -7.84 -7.78
N PHE A 85 -13.27 -6.98 -6.78
CA PHE A 85 -12.06 -6.46 -6.14
C PHE A 85 -12.23 -6.63 -4.64
N MET A 86 -11.12 -6.72 -3.93
CA MET A 86 -11.16 -6.85 -2.47
C MET A 86 -10.20 -5.86 -1.84
N VAL A 87 -10.63 -5.27 -0.74
CA VAL A 87 -9.78 -4.33 0.00
C VAL A 87 -8.74 -5.12 0.78
N GLN A 88 -7.47 -4.72 0.64
CA GLN A 88 -6.31 -5.35 1.25
C GLN A 88 -5.86 -4.58 2.49
N PRO A 89 -4.96 -5.17 3.29
CA PRO A 89 -4.58 -4.51 4.55
C PRO A 89 -3.88 -3.18 4.35
N ASP A 90 -3.24 -2.93 3.22
CA ASP A 90 -2.65 -1.62 2.91
C ASP A 90 -3.66 -0.63 2.33
N PHE A 91 -4.94 -0.99 2.34
CA PHE A 91 -6.07 -0.16 1.92
C PHE A 91 -6.10 0.05 0.43
N THR A 92 -5.45 -0.82 -0.33
CA THR A 92 -5.59 -0.87 -1.77
C THR A 92 -6.67 -1.87 -2.19
N LEU A 93 -7.12 -1.73 -3.42
CA LEU A 93 -8.06 -2.67 -4.03
C LEU A 93 -7.28 -3.64 -4.90
N LYS A 94 -7.51 -4.93 -4.70
CA LYS A 94 -6.86 -5.97 -5.49
C LYS A 94 -7.91 -6.72 -6.29
N MET A 95 -7.70 -6.79 -7.60
CA MET A 95 -8.59 -7.58 -8.44
C MET A 95 -8.55 -9.04 -8.03
N ASN A 96 -9.72 -9.65 -7.95
CA ASN A 96 -9.89 -11.07 -7.62
C ASN A 96 -9.60 -11.90 -8.85
N THR A 97 -8.38 -12.47 -8.88
CA THR A 97 -7.96 -13.28 -10.01
C THR A 97 -8.49 -14.71 -9.95
N ASP A 98 -9.16 -15.11 -8.86
CA ASP A 98 -9.88 -16.38 -8.87
C ASP A 98 -11.17 -16.26 -9.69
N LEU A 99 -11.82 -15.10 -9.60
CA LEU A 99 -13.05 -14.80 -10.32
C LEU A 99 -12.78 -14.25 -11.72
N LEU A 100 -11.82 -13.36 -11.85
CA LEU A 100 -11.67 -12.55 -13.05
C LEU A 100 -10.34 -12.82 -13.73
N GLU A 101 -10.38 -12.95 -15.06
CA GLU A 101 -9.16 -12.85 -15.85
C GLU A 101 -8.68 -11.40 -15.92
N SER A 102 -9.62 -10.48 -16.08
CA SER A 102 -9.25 -9.07 -16.28
C SER A 102 -10.44 -8.15 -16.00
N ALA A 103 -10.11 -6.91 -15.65
CA ALA A 103 -11.08 -5.84 -15.47
C ALA A 103 -10.38 -4.58 -15.96
N GLU A 104 -10.93 -3.94 -16.98
CA GLU A 104 -10.19 -2.89 -17.68
C GLU A 104 -11.12 -1.72 -17.97
N LEU A 105 -10.63 -0.51 -17.70
CA LEU A 105 -11.24 0.73 -18.18
C LEU A 105 -10.84 0.91 -19.63
N THR A 106 -11.73 0.55 -20.56
CA THR A 106 -11.35 0.45 -21.97
C THR A 106 -11.58 1.74 -22.73
N SER A 107 -12.43 2.64 -22.23
CA SER A 107 -12.65 3.92 -22.85
C SER A 107 -13.13 4.90 -21.80
N THR A 108 -12.95 6.20 -22.09
CA THR A 108 -13.53 7.27 -21.27
C THR A 108 -14.52 8.12 -22.06
N ASP A 109 -14.89 7.72 -23.27
CA ASP A 109 -15.80 8.50 -24.10
C ASP A 109 -16.75 7.55 -24.80
N PRO A 110 -17.77 7.04 -24.09
CA PRO A 110 -18.10 7.20 -22.67
C PRO A 110 -17.30 6.24 -21.80
N GLN A 111 -17.28 6.46 -20.49
CA GLN A 111 -16.58 5.55 -19.60
C GLN A 111 -17.13 4.14 -19.75
N THR A 112 -16.22 3.20 -20.00
CA THR A 112 -16.56 1.81 -20.28
C THR A 112 -15.60 0.91 -19.52
N VAL A 113 -16.15 -0.09 -18.81
CA VAL A 113 -15.37 -1.09 -18.10
C VAL A 113 -15.76 -2.47 -18.63
N VAL A 114 -14.75 -3.29 -18.91
CA VAL A 114 -14.94 -4.64 -19.40
C VAL A 114 -14.34 -5.60 -18.38
N TYR A 115 -15.16 -6.54 -17.94
CA TYR A 115 -14.79 -7.63 -17.05
C TYR A 115 -14.74 -8.90 -17.89
N ARG A 116 -13.67 -9.68 -17.74
CA ARG A 116 -13.59 -11.02 -18.31
C ARG A 116 -13.55 -11.98 -17.13
N ILE A 117 -14.61 -12.76 -16.98
CA ILE A 117 -14.74 -13.73 -15.91
C ILE A 117 -13.98 -15.00 -16.31
N ARG A 118 -13.28 -15.59 -15.34
CA ARG A 118 -12.62 -16.86 -15.60
C ARG A 118 -13.62 -17.93 -16.03
N GLU A 119 -13.21 -18.75 -17.00
CA GLU A 119 -14.09 -19.81 -17.46
C GLU A 119 -14.41 -20.78 -16.33
N ASP A 120 -13.47 -20.98 -15.41
CA ASP A 120 -13.68 -21.96 -14.35
C ASP A 120 -14.47 -21.41 -13.17
N ALA A 121 -14.79 -20.12 -13.15
CA ALA A 121 -15.55 -19.56 -12.04
C ALA A 121 -16.99 -20.06 -12.09
N VAL A 122 -17.40 -20.78 -11.04
CA VAL A 122 -18.71 -21.42 -10.96
C VAL A 122 -19.27 -21.26 -9.56
N TRP A 123 -20.60 -21.32 -9.47
CA TRP A 123 -21.30 -21.41 -8.20
C TRP A 123 -21.21 -22.85 -7.69
N SER A 124 -21.57 -23.04 -6.42
CA SER A 124 -21.40 -24.33 -5.75
C SER A 124 -22.28 -25.45 -6.31
N ASP A 125 -23.28 -25.11 -7.13
CA ASP A 125 -24.08 -26.12 -7.81
C ASP A 125 -23.55 -26.39 -9.21
N GLY A 126 -22.38 -25.82 -9.55
CA GLY A 126 -21.75 -26.05 -10.84
C GLY A 126 -22.15 -25.08 -11.93
N VAL A 127 -23.13 -24.22 -11.68
CA VAL A 127 -23.56 -23.27 -12.70
C VAL A 127 -22.49 -22.19 -12.86
N PRO A 128 -22.03 -21.91 -14.07
CA PRO A 128 -21.02 -20.86 -14.25
C PRO A 128 -21.45 -19.54 -13.64
N ILE A 129 -20.47 -18.81 -13.10
CA ILE A 129 -20.65 -17.40 -12.76
C ILE A 129 -20.55 -16.58 -14.05
N THR A 130 -21.55 -15.73 -14.30
CA THR A 130 -21.64 -15.07 -15.60
C THR A 130 -22.10 -13.63 -15.44
N GLY A 131 -22.22 -12.95 -16.58
CA GLY A 131 -22.86 -11.65 -16.61
C GLY A 131 -24.26 -11.63 -16.02
N ASP A 132 -24.94 -12.77 -15.97
CA ASP A 132 -26.25 -12.79 -15.32
C ASP A 132 -26.14 -12.28 -13.89
N ASP A 133 -25.05 -12.64 -13.21
CA ASP A 133 -24.85 -12.26 -11.82
C ASP A 133 -24.48 -10.80 -11.69
N PHE A 134 -23.64 -10.28 -12.59
CA PHE A 134 -23.38 -8.84 -12.63
C PHE A 134 -24.65 -8.06 -12.89
N ILE A 135 -25.45 -8.50 -13.87
CA ILE A 135 -26.65 -7.75 -14.24
C ILE A 135 -27.66 -7.74 -13.11
N TYR A 136 -27.89 -8.90 -12.49
CA TYR A 136 -28.79 -8.95 -11.33
C TYR A 136 -28.35 -7.97 -10.24
N PHE A 137 -27.07 -7.98 -9.88
CA PHE A 137 -26.63 -7.14 -8.78
C PHE A 137 -26.80 -5.68 -9.14
N TRP A 138 -26.37 -5.30 -10.35
CA TRP A 138 -26.56 -3.93 -10.80
C TRP A 138 -28.02 -3.50 -10.75
N LYS A 139 -28.94 -4.36 -11.20
CA LYS A 139 -30.35 -3.99 -11.17
C LYS A 139 -30.84 -3.80 -9.74
N THR A 140 -30.33 -4.58 -8.79
CA THR A 140 -30.77 -4.35 -7.41
C THR A 140 -30.21 -3.05 -6.84
N GLN A 141 -29.06 -2.57 -7.35
CA GLN A 141 -28.34 -1.47 -6.73
C GLN A 141 -28.50 -0.13 -7.45
N ASN A 142 -29.05 -0.11 -8.65
CA ASN A 142 -28.94 1.08 -9.49
C ASN A 142 -30.07 2.09 -9.28
N ARG A 143 -30.97 1.82 -8.34
CA ARG A 143 -32.06 2.72 -7.95
C ARG A 143 -33.12 2.91 -9.04
N ARG A 144 -33.05 2.16 -10.13
CA ARG A 144 -33.99 2.31 -11.23
C ARG A 144 -34.76 1.03 -11.55
N ASP A 145 -34.06 -0.09 -11.72
CA ASP A 145 -34.70 -1.33 -12.14
C ASP A 145 -35.43 -2.04 -11.02
N CYS A 146 -35.14 -1.70 -9.75
CA CYS A 146 -35.75 -2.37 -8.60
C CYS A 146 -35.92 -1.33 -7.50
N PRO A 147 -36.84 -0.38 -7.68
CA PRO A 147 -37.00 0.68 -6.67
C PRO A 147 -37.38 0.16 -5.30
N GLU A 148 -37.93 -1.05 -5.21
CA GLU A 148 -38.35 -1.62 -3.94
C GLU A 148 -37.25 -2.39 -3.22
N CYS A 149 -36.08 -2.54 -3.84
CA CYS A 149 -34.97 -3.25 -3.19
C CYS A 149 -34.48 -2.42 -2.02
N LEU A 150 -34.42 -3.04 -0.83
CA LEU A 150 -34.09 -2.35 0.41
C LEU A 150 -32.57 -2.29 0.59
N ILE A 151 -31.91 -1.57 -0.31
CA ILE A 151 -30.45 -1.57 -0.35
C ILE A 151 -29.88 -0.64 0.71
N ASN A 152 -28.58 -0.83 1.00
CA ASN A 152 -27.82 0.11 1.83
C ASN A 152 -27.52 1.39 1.04
N ALA A 153 -26.75 1.30 -0.05
CA ALA A 153 -26.44 2.46 -0.87
C ALA A 153 -25.98 1.98 -2.24
N SER A 154 -26.15 2.85 -3.24
CA SER A 154 -25.79 2.48 -4.61
C SER A 154 -24.28 2.45 -4.84
N TYR A 155 -23.52 3.33 -4.19
CA TYR A 155 -22.06 3.36 -4.28
C TYR A 155 -21.59 3.55 -5.71
N GLY A 156 -22.43 4.11 -6.57
CA GLY A 156 -22.08 4.37 -7.95
C GLY A 156 -22.63 3.38 -8.96
N HIS A 157 -23.29 2.30 -8.52
CA HIS A 157 -23.88 1.38 -9.48
C HIS A 157 -24.90 2.10 -10.35
N ASP A 158 -25.54 3.16 -9.84
CA ASP A 158 -26.49 3.92 -10.63
C ASP A 158 -25.83 4.71 -11.76
N PHE A 159 -24.51 4.90 -11.73
CA PHE A 159 -23.84 5.55 -12.85
CA PHE A 159 -23.82 5.55 -12.84
C PHE A 159 -23.61 4.61 -14.03
N ILE A 160 -23.83 3.32 -13.88
CA ILE A 160 -23.78 2.39 -15.02
C ILE A 160 -25.15 2.46 -15.69
N GLU A 161 -25.17 2.83 -16.96
CA GLU A 161 -26.40 3.02 -17.73
C GLU A 161 -26.78 1.76 -18.50
N THR A 162 -25.80 1.04 -19.03
CA THR A 162 -26.04 -0.21 -19.73
C THR A 162 -25.02 -1.23 -19.26
N LEU A 163 -25.46 -2.48 -19.17
CA LEU A 163 -24.63 -3.57 -18.68
C LEU A 163 -24.99 -4.80 -19.52
N GLU A 164 -24.07 -5.24 -20.35
CA GLU A 164 -24.32 -6.23 -21.36
C GLU A 164 -23.27 -7.32 -21.27
N GLN A 165 -23.63 -8.51 -21.72
CA GLN A 165 -22.71 -9.63 -21.72
C GLN A 165 -22.70 -10.28 -23.10
N ASP A 166 -21.59 -10.94 -23.37
CA ASP A 166 -21.43 -11.65 -24.63
C ASP A 166 -22.17 -12.97 -24.58
N GLU A 167 -22.09 -13.71 -25.71
CA GLU A 167 -22.81 -14.97 -25.82
C GLU A 167 -22.32 -16.02 -24.83
N THR A 168 -21.03 -15.98 -24.43
CA THR A 168 -20.51 -16.97 -23.50
C THR A 168 -20.87 -16.63 -22.05
N GLY A 169 -21.33 -15.42 -21.78
CA GLY A 169 -21.61 -14.99 -20.43
C GLY A 169 -20.40 -14.53 -19.65
N LYS A 170 -19.21 -14.61 -20.23
CA LYS A 170 -17.98 -14.37 -19.47
C LYS A 170 -17.36 -13.01 -19.75
N VAL A 171 -17.86 -12.26 -20.72
CA VAL A 171 -17.38 -10.90 -20.99
C VAL A 171 -18.53 -9.94 -20.71
N VAL A 172 -18.31 -9.03 -19.75
CA VAL A 172 -19.32 -8.12 -19.26
C VAL A 172 -18.84 -6.70 -19.52
N THR A 173 -19.68 -5.90 -20.19
CA THR A 173 -19.32 -4.54 -20.57
C THR A 173 -20.26 -3.56 -19.87
N ALA A 174 -19.69 -2.68 -19.05
CA ALA A 174 -20.43 -1.65 -18.32
C ALA A 174 -20.17 -0.31 -18.98
N THR A 175 -21.23 0.35 -19.43
CA THR A 175 -21.15 1.70 -19.98
C THR A 175 -21.79 2.67 -19.00
N PHE A 176 -21.05 3.71 -18.63
CA PHE A 176 -21.43 4.70 -17.63
C PHE A 176 -22.07 5.92 -18.29
N SER A 177 -23.03 6.53 -17.60
CA SER A 177 -23.66 7.76 -18.11
C SER A 177 -22.84 9.00 -17.80
N GLU A 178 -21.91 8.91 -16.85
CA GLU A 178 -21.03 10.01 -16.53
C GLU A 178 -19.79 9.43 -15.87
N PRO A 179 -18.69 10.20 -15.81
CA PRO A 179 -17.45 9.66 -15.24
C PRO A 179 -17.62 9.28 -13.78
N PHE A 180 -16.92 8.22 -13.36
CA PHE A 180 -17.00 7.77 -11.98
C PHE A 180 -15.69 7.14 -11.56
N LEU A 181 -15.06 7.76 -10.55
CA LEU A 181 -13.77 7.31 -10.04
C LEU A 181 -13.82 5.91 -9.47
N GLY A 182 -14.85 5.60 -8.69
CA GLY A 182 -14.79 4.44 -7.82
C GLY A 182 -15.31 3.17 -8.45
N TRP A 183 -15.06 2.97 -9.75
CA TRP A 183 -15.65 1.81 -10.43
C TRP A 183 -15.10 0.50 -9.88
N GLN A 184 -13.88 0.48 -9.33
CA GLN A 184 -13.35 -0.75 -8.77
C GLN A 184 -14.05 -1.15 -7.47
N GLY A 185 -14.87 -0.29 -6.90
CA GLY A 185 -15.68 -0.66 -5.76
C GLY A 185 -17.01 -1.28 -6.10
N LEU A 186 -17.32 -1.38 -7.39
CA LEU A 186 -18.58 -1.94 -7.86
C LEU A 186 -18.45 -3.45 -7.97
N PHE A 187 -19.59 -4.12 -7.84
CA PHE A 187 -19.65 -5.58 -7.91
C PHE A 187 -18.72 -6.25 -6.90
N MET A 188 -18.64 -5.66 -5.71
CA MET A 188 -17.84 -6.25 -4.64
C MET A 188 -18.56 -7.41 -3.96
N PHE A 189 -19.87 -7.55 -4.16
CA PHE A 189 -20.66 -8.66 -3.59
C PHE A 189 -21.58 -9.17 -4.69
N LEU A 190 -21.37 -10.40 -5.15
CA LEU A 190 -22.19 -11.00 -6.19
C LEU A 190 -23.01 -12.15 -5.62
N TYR A 191 -24.26 -12.24 -6.08
CA TYR A 191 -25.25 -13.22 -5.63
C TYR A 191 -25.73 -14.05 -6.81
N PRO A 192 -26.15 -15.29 -6.57
CA PRO A 192 -26.47 -16.17 -7.69
C PRO A 192 -27.80 -15.85 -8.36
N ALA A 193 -27.72 -15.21 -9.51
CA ALA A 193 -28.93 -14.78 -10.21
C ALA A 193 -29.82 -15.96 -10.56
N HIS A 194 -29.23 -17.10 -10.95
CA HIS A 194 -30.03 -18.23 -11.40
C HIS A 194 -30.84 -18.84 -10.26
N LEU A 195 -30.40 -18.66 -9.01
CA LEU A 195 -31.19 -19.08 -7.86
C LEU A 195 -32.20 -18.00 -7.45
N ALA A 196 -31.75 -16.74 -7.42
CA ALA A 196 -32.68 -15.66 -7.08
C ALA A 196 -33.89 -15.67 -8.01
N GLU A 197 -33.67 -15.97 -9.29
CA GLU A 197 -34.74 -16.01 -10.28
C GLU A 197 -35.85 -16.99 -9.94
N LYS A 198 -35.58 -17.99 -9.12
CA LYS A 198 -36.57 -18.99 -8.74
C LYS A 198 -37.44 -18.56 -7.55
N HIS A 199 -37.20 -17.37 -7.00
CA HIS A 199 -37.84 -16.95 -5.76
C HIS A 199 -38.44 -15.55 -5.92
N GLY A 200 -39.20 -15.36 -7.00
CA GLY A 200 -39.98 -14.15 -7.20
C GLY A 200 -39.33 -13.16 -8.13
N ASP A 201 -39.92 -11.97 -8.17
CA ASP A 201 -39.33 -10.88 -8.95
C ASP A 201 -38.08 -10.37 -8.23
N ILE A 202 -37.43 -9.38 -8.84
CA ILE A 202 -36.13 -8.95 -8.35
C ILE A 202 -36.22 -8.46 -6.90
N ALA A 203 -37.23 -7.64 -6.59
CA ALA A 203 -37.36 -7.14 -5.24
C ALA A 203 -37.60 -8.26 -4.24
N GLU A 204 -38.52 -9.18 -4.57
CA GLU A 204 -38.80 -10.29 -3.69
C GLU A 204 -37.55 -11.14 -3.45
N SER A 205 -36.79 -11.43 -4.50
CA SER A 205 -35.64 -12.30 -4.31
C SER A 205 -34.54 -11.61 -3.51
N TYR A 206 -34.37 -10.31 -3.69
CA TYR A 206 -33.36 -9.57 -2.95
C TYR A 206 -33.77 -9.33 -1.50
N ASN A 207 -35.03 -8.94 -1.28
CA ASN A 207 -35.50 -8.57 0.05
C ASN A 207 -35.89 -9.76 0.91
N ASN A 208 -36.24 -10.90 0.30
CA ASN A 208 -36.65 -12.08 1.06
C ASN A 208 -35.64 -13.20 0.89
N PHE A 209 -35.57 -13.83 -0.28
CA PHE A 209 -34.69 -14.99 -0.45
C PHE A 209 -33.24 -14.70 -0.02
N LEU A 210 -32.64 -13.66 -0.56
CA LEU A 210 -31.23 -13.41 -0.25
C LEU A 210 -31.01 -12.81 1.13
N SER A 211 -32.02 -12.18 1.72
CA SER A 211 -31.87 -11.54 3.01
C SER A 211 -32.27 -12.47 4.15
N ASN A 212 -33.40 -13.14 4.02
CA ASN A 212 -33.97 -13.87 5.15
C ASN A 212 -33.52 -15.32 5.24
N GLU A 213 -33.15 -15.94 4.12
CA GLU A 213 -32.88 -17.38 4.13
C GLU A 213 -31.40 -17.63 4.40
N VAL A 214 -31.12 -18.68 5.16
CA VAL A 214 -29.73 -19.13 5.35
C VAL A 214 -29.23 -19.56 3.96
N PRO A 215 -28.13 -19.02 3.47
CA PRO A 215 -27.70 -19.33 2.10
C PRO A 215 -27.22 -20.77 1.98
N ALA A 216 -27.78 -21.47 1.01
CA ALA A 216 -27.34 -22.83 0.69
C ALA A 216 -26.28 -22.84 -0.40
N TRP A 217 -26.04 -21.70 -1.03
CA TRP A 217 -25.16 -21.57 -2.19
C TRP A 217 -23.86 -20.91 -1.75
N SER A 218 -22.87 -20.98 -2.64
CA SER A 218 -21.60 -20.32 -2.44
C SER A 218 -20.92 -20.10 -3.78
N GLY A 219 -20.20 -18.99 -3.86
CA GLY A 219 -19.22 -18.76 -4.90
C GLY A 219 -17.81 -18.58 -4.37
N GLY A 220 -17.58 -19.03 -3.15
CA GLY A 220 -16.31 -18.85 -2.46
C GLY A 220 -15.77 -20.16 -1.92
N PRO A 221 -14.71 -20.09 -1.10
CA PRO A 221 -14.05 -21.33 -0.64
C PRO A 221 -14.89 -22.15 0.32
N TYR A 222 -15.85 -21.55 1.03
CA TYR A 222 -16.65 -22.22 2.05
C TYR A 222 -18.13 -22.03 1.73
N MET A 223 -18.97 -22.83 2.40
CA MET A 223 -20.41 -22.78 2.24
C MET A 223 -21.06 -23.18 3.56
N VAL A 224 -22.25 -22.61 3.82
CA VAL A 224 -22.92 -22.82 5.10
C VAL A 224 -23.50 -24.23 5.14
N GLU A 225 -23.15 -24.98 6.19
CA GLU A 225 -23.71 -26.29 6.47
C GLU A 225 -24.91 -26.21 7.41
N SER A 226 -24.81 -25.41 8.47
CA SER A 226 -25.91 -25.25 9.39
C SER A 226 -25.81 -23.89 10.07
N PHE A 227 -26.95 -23.48 10.63
CA PHE A 227 -27.06 -22.24 11.39
C PHE A 227 -27.92 -22.50 12.61
N ASP A 228 -27.35 -22.31 13.80
CA ASP A 228 -28.09 -22.35 15.05
C ASP A 228 -28.35 -20.92 15.49
N PRO A 229 -29.58 -20.41 15.36
CA PRO A 229 -29.82 -18.99 15.64
C PRO A 229 -29.34 -18.54 17.01
N GLY A 230 -28.66 -17.40 17.02
CA GLY A 230 -28.10 -16.85 18.23
C GLY A 230 -26.89 -17.57 18.78
N GLN A 231 -26.42 -18.64 18.11
CA GLN A 231 -25.36 -19.46 18.65
C GLN A 231 -24.20 -19.70 17.69
N LEU A 232 -24.46 -20.20 16.48
CA LEU A 232 -23.36 -20.72 15.66
C LEU A 232 -23.70 -20.79 14.18
N VAL A 233 -22.76 -20.31 13.35
CA VAL A 233 -22.78 -20.57 11.92
C VAL A 233 -21.68 -21.57 11.62
N THR A 234 -22.01 -22.70 10.98
CA THR A 234 -21.01 -23.69 10.61
C THR A 234 -20.87 -23.73 9.09
N LEU A 235 -19.67 -23.47 8.59
CA LEU A 235 -19.34 -23.57 7.18
C LEU A 235 -18.42 -24.74 6.94
N VAL A 236 -18.52 -25.34 5.75
CA VAL A 236 -17.65 -26.42 5.31
C VAL A 236 -17.05 -26.03 3.96
N PRO A 237 -15.99 -26.73 3.53
CA PRO A 237 -15.45 -26.45 2.20
C PRO A 237 -16.52 -26.58 1.11
N ASN A 238 -16.46 -25.65 0.16
CA ASN A 238 -17.20 -25.72 -1.10
C ASN A 238 -16.43 -26.64 -2.02
N PRO A 239 -16.96 -27.84 -2.33
CA PRO A 239 -16.19 -28.77 -3.18
C PRO A 239 -15.95 -28.26 -4.59
N LYS A 240 -16.71 -27.27 -5.04
CA LYS A 240 -16.52 -26.70 -6.37
C LYS A 240 -15.75 -25.38 -6.32
N TRP A 241 -15.07 -25.06 -5.22
CA TRP A 241 -14.23 -23.87 -5.18
C TRP A 241 -13.22 -23.91 -6.32
N TYR A 242 -13.09 -22.77 -7.02
CA TYR A 242 -12.34 -22.67 -8.26
C TYR A 242 -11.08 -21.83 -8.10
N GLY A 243 -10.77 -21.35 -6.89
CA GLY A 243 -9.64 -20.47 -6.71
C GLY A 243 -8.33 -21.20 -6.56
N GLU A 244 -7.24 -20.42 -6.55
CA GLU A 244 -5.90 -20.98 -6.56
C GLU A 244 -5.55 -21.66 -5.24
N LYS A 245 -6.01 -21.11 -4.13
CA LYS A 245 -5.62 -21.57 -2.79
C LYS A 245 -6.82 -22.07 -2.00
N GLY A 246 -6.57 -23.11 -1.21
CA GLY A 246 -7.53 -23.61 -0.26
C GLY A 246 -8.75 -24.26 -0.86
N PRO A 247 -9.78 -24.49 -0.03
CA PRO A 247 -9.80 -24.26 1.42
C PRO A 247 -8.99 -25.32 2.16
N TYR A 248 -8.53 -24.97 3.36
CA TYR A 248 -7.69 -25.88 4.15
C TYR A 248 -8.44 -26.53 5.31
N LEU A 249 -9.57 -25.98 5.73
CA LEU A 249 -10.24 -26.42 6.94
C LEU A 249 -11.41 -27.35 6.62
N ASP A 250 -11.64 -28.30 7.53
CA ASP A 250 -12.87 -29.08 7.47
C ASP A 250 -14.09 -28.25 7.85
N LYS A 251 -13.91 -27.31 8.79
CA LYS A 251 -14.99 -26.42 9.17
C LYS A 251 -14.43 -25.06 9.51
N LEU A 252 -15.19 -24.03 9.14
CA LEU A 252 -14.98 -22.65 9.56
C LEU A 252 -16.27 -22.26 10.27
N LYS A 253 -16.17 -21.91 11.55
CA LYS A 253 -17.33 -21.61 12.37
C LYS A 253 -17.30 -20.18 12.86
N PHE A 254 -18.48 -19.55 12.91
CA PHE A 254 -18.66 -18.22 13.50
C PHE A 254 -19.56 -18.38 14.72
N ARG A 255 -18.99 -18.16 15.91
CA ARG A 255 -19.66 -18.32 17.18
C ARG A 255 -20.20 -16.98 17.62
N ILE A 256 -21.51 -16.92 17.88
CA ILE A 256 -22.16 -15.67 18.24
C ILE A 256 -22.01 -15.43 19.73
N ILE A 257 -21.33 -14.33 20.09
CA ILE A 257 -21.10 -13.90 21.47
C ILE A 257 -21.45 -12.42 21.51
N THR A 258 -22.69 -12.09 21.86
CA THR A 258 -23.14 -10.71 21.74
C THR A 258 -22.54 -9.81 22.83
N ASP A 259 -22.17 -10.40 23.97
CA ASP A 259 -21.49 -9.67 25.04
C ASP A 259 -20.02 -9.56 24.67
N SER A 260 -19.68 -8.47 23.96
CA SER A 260 -18.33 -8.27 23.47
C SER A 260 -17.28 -8.35 24.59
N THR A 261 -17.68 -8.13 25.84
CA THR A 261 -16.74 -8.17 26.95
C THR A 261 -16.41 -9.59 27.39
N GLN A 262 -17.11 -10.59 26.85
CA GLN A 262 -16.84 -11.99 27.18
C GLN A 262 -16.01 -12.69 26.11
N GLN A 263 -15.59 -11.97 25.08
CA GLN A 263 -14.91 -12.64 23.98
C GLN A 263 -13.53 -13.14 24.37
N LEU A 264 -12.76 -12.35 25.11
CA LEU A 264 -11.42 -12.81 25.50
C LEU A 264 -11.51 -14.03 26.42
N THR A 265 -12.53 -14.10 27.27
CA THR A 265 -12.73 -15.30 28.09
C THR A 265 -13.03 -16.52 27.22
N ALA A 266 -13.84 -16.36 26.18
CA ALA A 266 -14.13 -17.48 25.29
C ALA A 266 -12.87 -17.96 24.59
N LEU A 267 -11.99 -17.04 24.23
CA LEU A 267 -10.73 -17.42 23.59
C LEU A 267 -9.84 -18.16 24.58
N GLU A 268 -9.69 -17.60 25.78
CA GLU A 268 -8.91 -18.24 26.83
C GLU A 268 -9.40 -19.65 27.11
N ASN A 269 -10.73 -19.84 27.14
CA ASN A 269 -11.32 -21.14 27.45
C ASN A 269 -11.36 -22.10 26.27
N GLY A 270 -10.94 -21.69 25.09
CA GLY A 270 -10.96 -22.55 23.93
C GLY A 270 -12.29 -22.68 23.24
N GLU A 271 -13.27 -21.86 23.60
CA GLU A 271 -14.58 -21.89 22.94
C GLU A 271 -14.52 -21.28 21.54
N VAL A 272 -13.60 -20.34 21.33
CA VAL A 272 -13.30 -19.78 20.03
C VAL A 272 -11.79 -19.72 19.89
N ASP A 273 -11.33 -19.54 18.65
CA ASP A 273 -9.92 -19.44 18.33
C ASP A 273 -9.49 -18.05 17.87
N VAL A 274 -10.44 -17.19 17.52
CA VAL A 274 -10.17 -15.87 16.98
C VAL A 274 -11.25 -14.93 17.50
N ILE A 275 -10.85 -13.74 17.95
CA ILE A 275 -11.77 -12.65 18.25
C ILE A 275 -11.27 -11.37 17.61
N TYR A 276 -12.19 -10.45 17.40
CA TYR A 276 -11.91 -9.17 16.74
C TYR A 276 -12.76 -8.08 17.39
N PRO A 277 -12.56 -7.86 18.69
CA PRO A 277 -13.41 -6.91 19.41
C PRO A 277 -13.20 -5.48 18.97
N GLN A 278 -14.29 -4.71 19.07
CA GLN A 278 -14.42 -3.37 18.52
C GLN A 278 -13.83 -2.30 19.41
N GLY A 279 -13.82 -2.48 20.71
CA GLY A 279 -13.41 -1.40 21.59
C GLY A 279 -12.22 -1.73 22.48
N ALA A 280 -11.04 -1.87 21.87
CA ALA A 280 -9.90 -2.31 22.66
C ALA A 280 -9.53 -1.27 23.72
N THR A 281 -9.06 -1.78 24.85
CA THR A 281 -8.62 -0.98 25.99
C THR A 281 -7.25 -1.46 26.42
N GLN A 282 -6.58 -0.64 27.25
CA GLN A 282 -5.31 -1.06 27.83
C GLN A 282 -5.50 -2.36 28.61
N ASP A 283 -6.59 -2.47 29.38
CA ASP A 283 -6.81 -3.68 30.17
C ASP A 283 -6.92 -4.90 29.26
N MET A 284 -7.61 -4.75 28.12
CA MET A 284 -7.74 -5.88 27.21
C MET A 284 -6.39 -6.33 26.66
N VAL A 285 -5.55 -5.37 26.27
CA VAL A 285 -4.22 -5.69 25.77
C VAL A 285 -3.40 -6.41 26.84
N GLU A 286 -3.45 -5.92 28.07
CA GLU A 286 -2.67 -6.53 29.14
C GLU A 286 -3.17 -7.94 29.42
N GLN A 287 -4.48 -8.16 29.36
CA GLN A 287 -5.01 -9.50 29.56
C GLN A 287 -4.59 -10.43 28.42
N ALA A 288 -4.67 -9.95 27.18
CA ALA A 288 -4.25 -10.77 26.05
C ALA A 288 -2.76 -11.13 26.14
N ALA A 289 -1.92 -10.17 26.54
CA ALA A 289 -0.50 -10.45 26.69
C ALA A 289 -0.25 -11.54 27.73
N GLY A 290 -1.06 -11.60 28.77
CA GLY A 290 -0.90 -12.63 29.78
C GLY A 290 -1.33 -14.01 29.33
N LEU A 291 -1.94 -14.13 28.17
CA LEU A 291 -2.38 -15.41 27.65
C LEU A 291 -1.42 -15.99 26.62
N ASP A 292 -0.20 -15.45 26.52
CA ASP A 292 0.73 -16.00 25.55
C ASP A 292 1.08 -17.46 25.85
N TYR A 293 0.98 -17.89 27.11
CA TYR A 293 1.24 -19.29 27.47
C TYR A 293 0.21 -20.26 26.88
N LEU A 294 -0.93 -19.74 26.41
CA LEU A 294 -1.94 -20.54 25.74
C LEU A 294 -1.82 -20.48 24.22
N GLY A 295 -0.72 -19.91 23.71
CA GLY A 295 -0.57 -19.79 22.29
C GLY A 295 -1.38 -18.69 21.67
N ILE A 296 -1.74 -17.68 22.45
CA ILE A 296 -2.51 -16.54 21.96
C ILE A 296 -1.55 -15.41 21.63
N ASP A 297 -1.73 -14.83 20.43
CA ASP A 297 -1.05 -13.60 20.04
C ASP A 297 -2.10 -12.59 19.57
N PHE A 298 -1.63 -11.39 19.24
CA PHE A 298 -2.57 -10.38 18.80
C PHE A 298 -1.88 -9.41 17.84
N GLN A 299 -2.71 -8.81 17.00
CA GLN A 299 -2.35 -7.77 16.05
C GLN A 299 -3.26 -6.58 16.28
N MET A 300 -2.70 -5.39 16.22
CA MET A 300 -3.48 -4.16 16.39
C MET A 300 -2.95 -3.10 15.44
N ASN A 301 -3.85 -2.38 14.77
CA ASN A 301 -3.50 -1.35 13.80
C ASN A 301 -4.51 -0.22 13.86
N PRO A 302 -4.18 0.95 13.31
CA PRO A 302 -5.20 1.99 13.16
C PRO A 302 -6.29 1.56 12.19
N SER A 303 -7.54 1.66 12.66
CA SER A 303 -8.75 1.26 11.95
C SER A 303 -9.13 2.29 10.89
N ALA A 304 -9.93 1.85 9.93
CA ALA A 304 -10.61 2.80 9.06
C ALA A 304 -11.72 3.55 9.81
N ASN A 305 -12.08 3.08 11.02
CA ASN A 305 -13.08 3.74 11.85
C ASN A 305 -12.40 4.85 12.62
N TRP A 306 -13.01 6.03 12.64
CA TRP A 306 -12.42 7.17 13.32
C TRP A 306 -13.44 7.85 14.21
N TYR A 307 -13.03 8.11 15.46
CA TYR A 307 -13.87 8.81 16.39
C TYR A 307 -14.05 10.27 15.99
N PHE A 308 -15.25 10.80 16.28
CA PHE A 308 -15.62 12.18 16.05
C PHE A 308 -16.55 12.63 17.15
N MET A 309 -16.67 13.95 17.29
CA MET A 309 -17.78 14.57 17.99
C MET A 309 -18.56 15.41 16.99
N GLY A 310 -19.83 15.11 16.84
CA GLY A 310 -20.70 15.89 15.99
C GLY A 310 -21.50 16.87 16.84
N LEU A 311 -21.86 17.99 16.22
CA LEU A 311 -22.57 19.08 16.89
C LEU A 311 -23.84 19.38 16.12
N ASN A 312 -24.95 19.54 16.84
CA ASN A 312 -26.25 19.68 16.20
C ASN A 312 -26.42 21.09 15.67
N SER A 313 -26.04 21.29 14.39
CA SER A 313 -26.18 22.62 13.82
C SER A 313 -27.62 22.95 13.43
N LYS A 314 -28.52 21.97 13.50
CA LYS A 314 -29.91 22.16 13.05
C LYS A 314 -30.83 22.67 14.13
N ALA A 315 -30.52 22.41 15.40
CA ALA A 315 -31.44 22.71 16.49
C ALA A 315 -30.68 22.76 17.80
N GLY A 316 -31.23 23.50 18.76
CA GLY A 316 -30.63 23.61 20.07
C GLY A 316 -29.49 24.61 20.08
N PRO A 317 -28.78 24.67 21.21
CA PRO A 317 -27.71 25.66 21.35
C PRO A 317 -26.62 25.57 20.28
N MET A 318 -26.33 24.38 19.76
CA MET A 318 -25.27 24.24 18.78
C MET A 318 -25.70 24.71 17.39
N SER A 319 -26.93 25.21 17.23
CA SER A 319 -27.27 25.83 15.96
C SER A 319 -26.50 27.13 15.75
N ASP A 320 -25.91 27.70 16.80
CA ASP A 320 -25.08 28.91 16.69
C ASP A 320 -23.64 28.50 16.43
N ILE A 321 -23.11 28.89 15.26
CA ILE A 321 -21.75 28.51 14.91
C ILE A 321 -20.73 29.05 15.91
N ALA A 322 -21.02 30.18 16.56
CA ALA A 322 -20.06 30.69 17.54
C ALA A 322 -19.91 29.74 18.72
N LEU A 323 -21.02 29.18 19.21
CA LEU A 323 -20.93 28.22 20.31
C LEU A 323 -20.21 26.95 19.85
N ARG A 324 -20.46 26.52 18.63
CA ARG A 324 -19.75 25.35 18.11
C ARG A 324 -18.25 25.60 18.09
N LYS A 325 -17.83 26.75 17.56
CA LYS A 325 -16.40 27.03 17.47
C LYS A 325 -15.78 27.22 18.85
N ALA A 326 -16.51 27.83 19.78
CA ALA A 326 -15.97 27.98 21.14
C ALA A 326 -15.73 26.62 21.78
N VAL A 327 -16.72 25.73 21.69
CA VAL A 327 -16.59 24.39 22.23
C VAL A 327 -15.40 23.66 21.61
N LEU A 328 -15.29 23.69 20.28
CA LEU A 328 -14.19 22.95 19.66
C LEU A 328 -12.84 23.54 20.03
N THR A 329 -12.75 24.86 20.19
CA THR A 329 -11.49 25.50 20.58
C THR A 329 -11.09 25.13 22.01
N ALA A 330 -12.08 24.98 22.90
CA ALA A 330 -11.80 24.66 24.30
C ALA A 330 -11.39 23.21 24.50
N ILE A 331 -11.89 22.30 23.64
CA ILE A 331 -11.50 20.91 23.75
C ILE A 331 -10.00 20.80 23.55
N ASP A 332 -9.37 20.00 24.42
CA ASP A 332 -7.93 19.76 24.37
C ASP A 332 -7.71 18.38 23.75
N ALA A 333 -7.43 18.36 22.44
CA ALA A 333 -7.30 17.07 21.74
C ALA A 333 -6.03 16.33 22.16
N GLY A 334 -4.98 17.08 22.50
CA GLY A 334 -3.77 16.44 23.01
C GLY A 334 -4.05 15.66 24.28
N ASP A 335 -4.81 16.27 25.20
CA ASP A 335 -5.20 15.57 26.43
C ASP A 335 -6.14 14.41 26.14
N LEU A 336 -7.09 14.60 25.24
CA LEU A 336 -8.01 13.52 24.87
C LEU A 336 -7.24 12.27 24.50
N LYS A 337 -6.25 12.44 23.62
CA LYS A 337 -5.46 11.29 23.16
C LYS A 337 -4.49 10.81 24.23
N ALA A 338 -3.91 11.74 25.00
CA ALA A 338 -2.96 11.36 26.04
C ALA A 338 -3.63 10.52 27.12
N LYS A 339 -4.91 10.77 27.40
CA LYS A 339 -5.63 10.06 28.43
C LYS A 339 -6.21 8.73 27.98
N THR A 340 -6.55 8.59 26.69
CA THR A 340 -7.31 7.43 26.24
C THR A 340 -6.62 6.55 25.22
N ALA A 341 -5.55 7.02 24.58
CA ALA A 341 -4.82 6.22 23.60
C ALA A 341 -3.34 6.09 23.94
N ASP A 342 -2.67 7.21 24.24
CA ASP A 342 -1.23 7.17 24.40
C ASP A 342 -0.73 6.23 25.50
N PRO A 343 -1.47 5.91 26.57
CA PRO A 343 -0.90 5.03 27.60
C PRO A 343 -0.58 3.64 27.08
N TYR A 344 -1.20 3.21 25.98
CA TYR A 344 -0.95 1.85 25.51
C TYR A 344 -0.80 1.75 23.99
N LEU A 345 -0.82 2.87 23.28
CA LEU A 345 -0.68 2.89 21.82
C LEU A 345 0.42 3.89 21.50
N ARG A 346 1.51 3.42 20.90
CA ARG A 346 2.64 4.28 20.60
C ARG A 346 2.40 5.07 19.31
N ASN A 347 2.79 6.34 19.33
CA ASN A 347 2.78 7.18 18.12
C ASN A 347 1.43 7.10 17.42
N TRP A 348 0.37 7.25 18.20
CA TRP A 348 -0.99 7.16 17.66
C TRP A 348 -1.37 8.49 17.04
N PRO A 349 -1.79 8.52 15.78
CA PRO A 349 -2.00 9.80 15.09
C PRO A 349 -3.29 10.50 15.46
N HIS A 350 -3.19 11.80 15.65
CA HIS A 350 -4.38 12.66 15.60
C HIS A 350 -4.99 12.54 14.21
N MET A 351 -6.30 12.75 14.14
CA MET A 351 -6.98 12.93 12.87
C MET A 351 -7.58 14.33 12.86
N GLY A 352 -7.06 15.18 11.98
CA GLY A 352 -7.51 16.55 11.86
C GLY A 352 -8.27 16.89 10.60
N SER A 353 -8.81 15.88 9.94
CA SER A 353 -9.61 15.99 8.72
C SER A 353 -10.91 15.24 8.94
N VAL A 354 -11.98 15.65 8.27
CA VAL A 354 -13.21 14.85 8.28
C VAL A 354 -13.44 14.15 6.95
N MET A 355 -12.47 14.19 6.04
CA MET A 355 -12.62 13.47 4.79
C MET A 355 -11.47 12.53 4.45
N PHE A 356 -10.34 12.63 5.12
CA PHE A 356 -9.17 11.82 4.84
C PHE A 356 -8.59 11.28 6.15
N LEU A 357 -8.24 9.98 6.15
CA LEU A 357 -7.42 9.45 7.23
C LEU A 357 -6.01 10.03 7.14
N PRO A 358 -5.22 9.94 8.22
CA PRO A 358 -3.89 10.55 8.19
C PRO A 358 -2.97 9.99 7.11
N ASN A 359 -3.20 8.76 6.65
CA ASN A 359 -2.35 8.18 5.63
C ASN A 359 -2.87 8.33 4.21
N GLN A 360 -4.01 8.99 4.00
CA GLN A 360 -4.60 9.13 2.68
C GLN A 360 -4.15 10.43 2.01
N ALA A 361 -3.97 10.36 0.70
CA ALA A 361 -3.69 11.56 -0.08
C ALA A 361 -4.71 12.64 0.21
N GLY A 362 -4.22 13.87 0.38
CA GLY A 362 -5.07 14.99 0.68
C GLY A 362 -5.20 15.33 2.14
N TYR A 363 -4.76 14.44 3.04
CA TYR A 363 -4.86 14.70 4.46
C TYR A 363 -4.06 15.95 4.86
N ALA A 364 -4.66 16.74 5.74
CA ALA A 364 -3.95 17.78 6.46
C ALA A 364 -4.69 18.03 7.77
N ASP A 365 -4.00 18.65 8.73
CA ASP A 365 -4.64 18.95 10.02
C ASP A 365 -5.41 20.26 9.91
N ARG A 366 -6.56 20.17 9.26
CA ARG A 366 -7.45 21.32 9.08
C ARG A 366 -8.18 21.68 10.36
N ARG A 367 -8.28 20.75 11.29
CA ARG A 367 -8.81 20.97 12.63
C ARG A 367 -7.94 21.96 13.39
N GLY A 368 -6.65 21.64 13.50
CA GLY A 368 -5.74 22.50 14.24
C GLY A 368 -5.49 23.83 13.58
N ALA A 369 -5.54 23.87 12.23
CA ALA A 369 -5.36 25.11 11.52
C ALA A 369 -6.39 26.15 11.92
N ARG A 370 -7.54 25.71 12.43
CA ARG A 370 -8.62 26.58 12.86
C ARG A 370 -8.65 26.79 14.36
N GLY A 371 -7.67 26.25 15.08
CA GLY A 371 -7.64 26.36 16.51
C GLY A 371 -8.50 25.36 17.24
N TYR A 372 -9.19 24.48 16.53
CA TYR A 372 -10.00 23.48 17.19
C TYR A 372 -9.09 22.48 17.86
N GLY A 373 -9.44 22.04 19.07
CA GLY A 373 -8.69 21.02 19.75
C GLY A 373 -7.45 21.50 20.45
N THR A 374 -7.23 22.81 20.49
CA THR A 374 -6.02 23.37 21.08
C THR A 374 -6.15 23.60 22.58
N GLY A 375 -7.33 23.36 23.17
CA GLY A 375 -7.47 23.52 24.59
C GLY A 375 -7.34 24.95 25.04
N ASP A 376 -7.77 25.90 24.21
CA ASP A 376 -7.49 27.32 24.41
C ASP A 376 -8.76 27.96 24.97
N VAL A 377 -8.90 27.87 26.30
CA VAL A 377 -10.12 28.32 26.96
C VAL A 377 -10.29 29.83 26.83
N GLU A 378 -9.19 30.58 26.92
CA GLU A 378 -9.32 32.03 26.82
C GLU A 378 -9.77 32.44 25.41
N LYS A 379 -9.26 31.79 24.37
CA LYS A 379 -9.74 32.07 23.02
C LYS A 379 -11.22 31.70 22.89
N ALA A 380 -11.60 30.53 23.43
CA ALA A 380 -13.00 30.11 23.37
C ALA A 380 -13.91 31.10 24.09
N LYS A 381 -13.48 31.61 25.24
CA LYS A 381 -14.29 32.61 25.93
C LYS A 381 -14.43 33.85 25.08
N GLY A 382 -13.36 34.25 24.39
CA GLY A 382 -13.44 35.40 23.50
C GLY A 382 -14.41 35.20 22.36
N ILE A 383 -14.39 34.01 21.75
CA ILE A 383 -15.35 33.70 20.69
C ILE A 383 -16.78 33.90 21.20
N LEU A 384 -17.06 33.43 22.41
CA LEU A 384 -18.40 33.56 22.97
C LEU A 384 -18.72 35.03 23.25
N SER A 385 -17.80 35.74 23.90
CA SER A 385 -18.03 37.16 24.20
C SER A 385 -18.29 37.95 22.93
N GLU A 386 -17.52 37.69 21.88
CA GLU A 386 -17.63 38.43 20.63
C GLU A 386 -18.90 38.11 19.89
N ALA A 387 -19.57 37.02 20.24
CA ALA A 387 -20.88 36.70 19.68
C ALA A 387 -22.03 37.12 20.58
N GLY A 388 -21.76 37.78 21.71
CA GLY A 388 -22.82 38.31 22.54
C GLY A 388 -23.17 37.50 23.78
N TYR A 389 -22.51 36.37 23.99
CA TYR A 389 -22.74 35.56 25.17
C TYR A 389 -22.12 36.23 26.39
N LYS A 390 -22.68 35.94 27.57
CA LYS A 390 -22.19 36.50 28.81
C LYS A 390 -22.24 35.44 29.89
N LEU A 391 -21.37 35.58 30.89
CA LEU A 391 -21.34 34.70 32.04
C LEU A 391 -22.04 35.37 33.23
N SER A 392 -22.91 34.62 33.89
CA SER A 392 -23.63 35.11 35.06
C SER A 392 -23.69 34.02 36.10
N GLY A 393 -23.11 34.27 37.27
CA GLY A 393 -23.14 33.28 38.33
C GLY A 393 -22.59 31.92 37.92
N GLY A 394 -21.60 31.91 37.04
CA GLY A 394 -20.99 30.68 36.59
C GLY A 394 -21.69 30.00 35.43
N SER A 395 -22.79 30.55 34.94
CA SER A 395 -23.56 29.96 33.86
C SER A 395 -23.50 30.85 32.62
N LEU A 396 -23.39 30.21 31.46
CA LEU A 396 -23.37 30.96 30.21
C LEU A 396 -24.77 31.39 29.82
N LEU A 397 -24.90 32.67 29.46
CA LEU A 397 -26.14 33.25 28.94
C LEU A 397 -26.01 33.47 27.45
N ASP A 398 -27.07 33.20 26.71
CA ASP A 398 -27.05 33.46 25.27
C ASP A 398 -27.22 34.97 25.05
N PRO A 399 -27.07 35.42 23.81
CA PRO A 399 -27.08 36.88 23.58
C PRO A 399 -28.38 37.54 23.97
N SER A 400 -29.50 36.82 23.92
CA SER A 400 -30.77 37.38 24.39
C SER A 400 -30.82 37.53 25.90
N GLY A 401 -29.91 36.88 26.62
CA GLY A 401 -29.85 36.96 28.06
C GLY A 401 -30.35 35.73 28.78
N LYS A 402 -30.84 34.73 28.06
CA LYS A 402 -31.37 33.49 28.60
C LYS A 402 -30.23 32.51 28.87
N PRO A 403 -30.26 31.80 30.00
CA PRO A 403 -29.23 30.78 30.22
C PRO A 403 -29.21 29.74 29.11
N VAL A 404 -28.00 29.38 28.67
CA VAL A 404 -27.88 28.27 27.73
C VAL A 404 -28.27 26.98 28.44
N SER A 405 -29.03 26.14 27.77
CA SER A 405 -29.44 24.88 28.36
C SER A 405 -28.26 23.95 28.62
N THR A 406 -28.45 23.05 29.58
CA THR A 406 -27.55 21.92 29.75
C THR A 406 -27.49 21.15 28.44
N LEU A 407 -26.27 20.79 28.03
CA LEU A 407 -26.06 20.14 26.74
C LEU A 407 -26.24 18.64 26.85
N ARG A 408 -26.86 18.05 25.83
CA ARG A 408 -27.08 16.64 25.76
C ARG A 408 -25.96 16.05 24.92
N LEU A 409 -25.08 15.28 25.57
CA LEU A 409 -23.93 14.65 24.92
C LEU A 409 -24.13 13.15 24.94
N SER A 410 -24.46 12.58 23.78
CA SER A 410 -24.78 11.16 23.70
C SER A 410 -23.66 10.41 22.98
N PHE A 411 -23.60 9.11 23.26
CA PHE A 411 -22.61 8.22 22.65
C PHE A 411 -23.10 6.79 22.78
N PRO A 412 -22.74 5.93 21.83
CA PRO A 412 -23.25 4.56 21.86
C PRO A 412 -22.52 3.72 22.90
N PRO A 413 -23.14 2.63 23.35
CA PRO A 413 -22.46 1.70 24.25
C PRO A 413 -21.47 0.83 23.51
N GLY A 414 -20.56 0.25 24.30
CA GLY A 414 -19.59 -0.70 23.79
C GLY A 414 -18.25 -0.12 23.39
N TYR A 415 -17.99 1.15 23.70
CA TYR A 415 -16.76 1.83 23.30
C TYR A 415 -16.24 2.59 24.51
N PRO A 416 -15.45 1.93 25.36
CA PRO A 416 -14.98 2.61 26.58
C PRO A 416 -14.28 3.93 26.30
N ALA A 417 -13.51 4.03 25.22
CA ALA A 417 -12.81 5.27 24.93
C ALA A 417 -13.78 6.44 24.73
N ALA A 418 -14.91 6.17 24.07
CA ALA A 418 -15.92 7.21 23.87
C ALA A 418 -16.51 7.67 25.20
N ASN A 419 -16.77 6.75 26.12
CA ASN A 419 -17.25 7.14 27.43
C ASN A 419 -16.26 8.04 28.16
N ASP A 420 -14.97 7.65 28.15
CA ASP A 420 -13.94 8.47 28.79
C ASP A 420 -13.82 9.84 28.12
N MET A 421 -13.85 9.89 26.79
CA MET A 421 -13.72 11.18 26.11
C MET A 421 -14.91 12.08 26.38
N ALA A 422 -16.12 11.51 26.51
CA ALA A 422 -17.28 12.34 26.84
C ALA A 422 -17.10 13.04 28.18
N ARG A 423 -16.59 12.31 29.18
CA ARG A 423 -16.32 12.92 30.47
C ARG A 423 -15.26 13.99 30.36
N LEU A 424 -14.17 13.72 29.61
CA LEU A 424 -13.12 14.71 29.43
C LEU A 424 -13.64 15.98 28.78
N ILE A 425 -14.48 15.85 27.74
CA ILE A 425 -15.01 17.01 27.03
C ILE A 425 -15.89 17.85 27.94
N THR A 426 -16.70 17.20 28.78
CA THR A 426 -17.47 17.92 29.79
C THR A 426 -16.57 18.80 30.63
N GLY A 427 -15.42 18.27 31.04
CA GLY A 427 -14.49 19.06 31.82
C GLY A 427 -13.87 20.22 31.05
N TYR A 428 -13.57 20.00 29.76
CA TYR A 428 -12.93 21.05 28.99
C TYR A 428 -13.84 22.25 28.79
N ILE A 429 -15.16 22.03 28.70
CA ILE A 429 -16.07 23.13 28.40
C ILE A 429 -16.74 23.69 29.65
N ALA A 430 -16.56 23.06 30.80
CA ALA A 430 -17.12 23.61 32.03
C ALA A 430 -16.67 25.04 32.29
N PRO A 431 -15.41 25.42 32.05
CA PRO A 431 -15.02 26.84 32.28
C PRO A 431 -15.71 27.82 31.38
N LEU A 432 -16.38 27.36 30.31
CA LEU A 432 -17.16 28.25 29.47
C LEU A 432 -18.54 28.56 30.06
N GLY A 433 -18.89 27.94 31.19
CA GLY A 433 -20.21 28.09 31.76
C GLY A 433 -21.23 27.10 31.24
N LEU A 434 -20.77 26.01 30.62
CA LEU A 434 -21.62 25.01 30.02
C LEU A 434 -21.64 23.76 30.89
N LYS A 435 -22.82 23.17 31.01
CA LYS A 435 -23.00 21.90 31.70
C LYS A 435 -23.42 20.86 30.68
N THR A 436 -23.15 19.59 30.99
CA THR A 436 -23.54 18.52 30.09
C THR A 436 -24.26 17.41 30.85
N ASP A 437 -25.18 16.77 30.15
CA ASP A 437 -25.78 15.50 30.56
C ASP A 437 -25.27 14.42 29.62
N LEU A 438 -24.62 13.40 30.19
CA LEU A 438 -24.11 12.29 29.39
C LEU A 438 -25.22 11.26 29.21
N LEU A 439 -25.47 10.85 27.95
CA LEU A 439 -26.55 9.96 27.57
C LEU A 439 -26.00 8.80 26.75
N THR A 440 -26.36 7.58 27.11
CA THR A 440 -25.87 6.41 26.36
C THR A 440 -26.93 5.32 26.41
N GLY A 441 -26.51 4.07 26.12
CA GLY A 441 -27.42 2.96 26.03
C GLY A 441 -27.89 2.73 24.61
N PRO A 442 -28.77 1.74 24.42
CA PRO A 442 -29.15 1.34 23.06
C PRO A 442 -29.82 2.44 22.24
N ASN A 443 -30.42 3.44 22.87
CA ASN A 443 -31.08 4.50 22.15
C ASN A 443 -30.15 5.65 21.76
N ALA A 444 -28.87 5.57 22.11
CA ALA A 444 -27.91 6.64 21.83
C ALA A 444 -27.01 6.31 20.65
N THR A 445 -27.50 5.54 19.70
CA THR A 445 -26.71 5.18 18.53
C THR A 445 -26.97 6.19 17.41
N ALA A 446 -26.12 6.14 16.39
CA ALA A 446 -26.24 7.07 15.28
C ALA A 446 -27.58 6.91 14.56
N ASP A 447 -28.03 5.68 14.38
CA ASP A 447 -29.26 5.43 13.64
C ASP A 447 -30.46 6.10 14.32
N TYR A 448 -30.39 6.30 15.64
CA TYR A 448 -31.49 6.87 16.41
C TYR A 448 -31.35 8.36 16.66
N LEU A 449 -30.33 9.00 16.07
CA LEU A 449 -30.18 10.45 16.20
C LEU A 449 -31.35 11.18 15.55
N LEU A 450 -31.76 12.26 16.19
CA LEU A 450 -32.82 13.12 15.68
C LEU A 450 -32.40 14.57 15.91
N SER A 451 -32.90 15.47 15.07
CA SER A 451 -32.56 16.88 15.32
C SER A 451 -33.05 17.29 16.70
N GLY A 452 -34.05 16.60 17.24
CA GLY A 452 -34.58 16.96 18.54
C GLY A 452 -33.98 16.28 19.76
N ASN A 453 -33.03 15.35 19.64
CA ASN A 453 -32.64 14.57 20.81
C ASN A 453 -31.18 14.61 21.23
N PHE A 454 -30.37 15.51 20.67
CA PHE A 454 -28.98 15.61 21.09
C PHE A 454 -28.48 17.02 20.78
N ASP A 455 -27.41 17.41 21.47
CA ASP A 455 -26.59 18.58 21.11
C ASP A 455 -25.20 18.24 20.62
N LEU A 456 -24.56 17.25 21.24
CA LEU A 456 -23.24 16.75 20.90
C LEU A 456 -23.35 15.23 20.86
N HIS A 457 -22.61 14.60 19.94
CA HIS A 457 -22.65 13.15 19.80
C HIS A 457 -21.25 12.63 19.49
N LEU A 458 -20.79 11.68 20.29
CA LEU A 458 -19.49 11.04 20.08
C LEU A 458 -19.71 9.65 19.49
N ASN A 459 -19.09 9.37 18.35
CA ASN A 459 -19.28 8.10 17.65
C ASN A 459 -18.12 7.94 16.69
N TYR A 460 -18.23 7.03 15.72
CA TYR A 460 -17.24 6.91 14.67
C TYR A 460 -17.89 6.77 13.29
N PHE A 461 -17.13 7.18 12.28
CA PHE A 461 -17.41 6.88 10.89
C PHE A 461 -16.38 5.88 10.37
N SER A 462 -16.81 5.09 9.40
CA SER A 462 -15.98 4.09 8.73
C SER A 462 -15.52 4.65 7.39
N GLN A 463 -14.23 4.92 7.28
CA GLN A 463 -13.71 5.47 6.02
C GLN A 463 -13.66 4.40 4.93
N GLN A 464 -13.85 4.85 3.69
CA GLN A 464 -13.78 4.02 2.50
C GLN A 464 -12.49 4.27 1.73
N VAL A 465 -12.23 3.38 0.77
CA VAL A 465 -11.05 3.53 -0.09
C VAL A 465 -11.13 4.79 -0.94
N PHE A 466 -12.32 5.22 -1.33
CA PHE A 466 -12.50 6.44 -2.11
C PHE A 466 -13.12 7.52 -1.23
N PRO A 467 -12.31 8.44 -0.68
CA PRO A 467 -12.89 9.50 0.17
C PRO A 467 -14.06 10.25 -0.46
N ALA A 468 -14.02 10.48 -1.78
CA ALA A 468 -15.11 11.24 -2.39
C ALA A 468 -16.43 10.48 -2.39
N VAL A 469 -16.39 9.16 -2.46
CA VAL A 469 -17.61 8.36 -2.38
C VAL A 469 -18.19 8.42 -0.97
N LYS A 470 -17.32 8.26 0.03
CA LYS A 470 -17.77 8.37 1.41
C LYS A 470 -18.34 9.75 1.68
N ALA A 471 -17.67 10.80 1.20
CA ALA A 471 -18.11 12.16 1.48
C ALA A 471 -19.51 12.41 0.93
N GLY A 472 -19.85 11.80 -0.20
CA GLY A 472 -21.16 11.99 -0.77
C GLY A 472 -22.26 11.34 0.02
N GLN A 473 -21.91 10.40 0.89
CA GLN A 473 -22.88 9.74 1.75
C GLN A 473 -23.09 10.47 3.07
N ILE A 474 -22.21 11.41 3.45
CA ILE A 474 -22.39 12.01 4.76
C ILE A 474 -22.44 13.53 4.81
N PHE A 475 -22.10 14.24 3.71
CA PHE A 475 -22.07 15.71 3.78
C PHE A 475 -23.14 16.37 2.92
N LEU A 476 -23.91 15.60 2.16
CA LEU A 476 -24.94 16.17 1.30
C LEU A 476 -26.22 16.44 2.07
N ARG A 477 -26.90 17.53 1.69
N ARG A 477 -26.94 17.49 1.64
CA ARG A 477 -28.24 17.73 2.19
CA ARG A 477 -28.06 18.01 2.43
C ARG A 477 -29.11 16.55 1.77
C ARG A 477 -29.06 16.93 2.85
N ASP A 478 -30.02 16.16 2.65
N ASP A 478 -29.53 16.14 1.88
CA ASP A 478 -30.96 15.07 2.36
CA ASP A 478 -30.64 15.23 2.10
C ASP A 478 -30.24 13.74 2.16
C ASP A 478 -30.15 13.79 2.10
N THR A 479 -29.28 13.45 3.04
CA THR A 479 -28.67 12.14 3.10
C THR A 479 -28.72 11.73 4.57
N ARG A 480 -28.96 10.44 4.78
CA ARG A 480 -29.27 9.95 6.12
C ARG A 480 -28.14 10.22 7.09
N GLN A 481 -26.91 10.01 6.66
CA GLN A 481 -25.79 10.10 7.57
C GLN A 481 -25.24 11.51 7.72
N ASN A 482 -25.95 12.51 7.19
CA ASN A 482 -25.64 13.91 7.50
C ASN A 482 -26.38 14.30 8.78
N TYR A 483 -25.87 13.78 9.91
CA TYR A 483 -26.58 13.95 11.18
C TYR A 483 -26.45 15.36 11.74
N PHE A 484 -25.41 16.08 11.37
CA PHE A 484 -25.04 17.31 12.06
C PHE A 484 -25.33 18.55 11.23
N GLY A 485 -25.92 18.40 10.05
CA GLY A 485 -26.56 19.52 9.38
C GLY A 485 -25.73 20.30 8.40
N PHE A 486 -24.74 19.68 7.77
CA PHE A 486 -24.07 20.34 6.67
C PHE A 486 -25.10 20.68 5.59
N ASN A 487 -24.97 21.87 5.02
CA ASN A 487 -25.92 22.32 4.02
C ASN A 487 -25.25 23.37 3.17
N ASP A 488 -24.47 22.94 2.20
CA ASP A 488 -23.63 23.85 1.44
C ASP A 488 -23.53 23.38 0.00
N PRO A 489 -24.19 24.05 -0.93
CA PRO A 489 -24.12 23.59 -2.33
C PRO A 489 -22.71 23.56 -2.86
N LYS A 490 -21.82 24.42 -2.35
CA LYS A 490 -20.44 24.39 -2.83
C LYS A 490 -19.75 23.11 -2.40
N ILE A 491 -19.94 22.67 -1.16
CA ILE A 491 -19.39 21.39 -0.74
C ILE A 491 -19.89 20.27 -1.65
N GLU A 492 -21.18 20.28 -1.94
CA GLU A 492 -21.76 19.22 -2.77
C GLU A 492 -21.18 19.24 -4.17
N GLU A 493 -20.99 20.44 -4.74
CA GLU A 493 -20.39 20.54 -6.06
C GLU A 493 -18.98 19.97 -6.08
N ILE A 494 -18.18 20.31 -5.05
CA ILE A 494 -16.81 19.82 -4.97
C ILE A 494 -16.79 18.30 -4.87
N ILE A 495 -17.66 17.73 -4.03
CA ILE A 495 -17.69 16.29 -3.87
C ILE A 495 -18.03 15.60 -5.19
N GLY A 496 -19.00 16.15 -5.93
CA GLY A 496 -19.32 15.62 -7.23
C GLY A 496 -18.15 15.64 -8.21
N LYS A 497 -17.43 16.75 -8.25
CA LYS A 497 -16.26 16.82 -9.12
C LYS A 497 -15.19 15.82 -8.67
N ALA A 498 -15.00 15.67 -7.36
CA ALA A 498 -14.00 14.74 -6.87
C ALA A 498 -14.37 13.31 -7.22
N ALA A 499 -15.66 12.98 -7.17
CA ALA A 499 -16.09 11.62 -7.49
C ALA A 499 -16.00 11.31 -8.98
N ALA A 500 -15.84 12.34 -9.82
CA ALA A 500 -15.71 12.18 -11.27
C ALA A 500 -14.26 12.14 -11.71
N ALA A 501 -13.31 12.31 -10.80
CA ALA A 501 -11.91 12.36 -11.16
C ALA A 501 -11.42 11.01 -11.68
N SER A 502 -10.27 11.03 -12.33
CA SER A 502 -9.70 9.81 -12.91
C SER A 502 -8.64 9.15 -12.06
N SER A 503 -8.30 9.71 -10.90
CA SER A 503 -7.39 9.06 -9.98
C SER A 503 -7.74 9.48 -8.55
N ILE A 504 -7.33 8.66 -7.59
CA ILE A 504 -7.55 8.99 -6.19
C ILE A 504 -6.81 10.27 -5.83
N GLU A 505 -5.62 10.47 -6.41
CA GLU A 505 -4.82 11.65 -6.12
C GLU A 505 -5.49 12.92 -6.63
N GLU A 506 -5.96 12.92 -7.87
CA GLU A 506 -6.69 14.09 -8.38
C GLU A 506 -7.95 14.32 -7.55
N SER A 507 -8.66 13.25 -7.23
CA SER A 507 -9.85 13.35 -6.41
C SER A 507 -9.57 14.04 -5.09
N ALA A 508 -8.44 13.69 -4.47
CA ALA A 508 -8.07 14.22 -3.17
C ALA A 508 -7.73 15.69 -3.27
N ALA A 509 -7.04 16.09 -4.34
CA ALA A 509 -6.76 17.51 -4.56
C ALA A 509 -8.04 18.30 -4.66
N ILE A 510 -9.04 17.79 -5.37
CA ILE A 510 -10.32 18.49 -5.50
C ILE A 510 -11.05 18.50 -4.15
N LEU A 511 -11.16 17.33 -3.53
CA LEU A 511 -11.97 17.17 -2.33
C LEU A 511 -11.40 17.96 -1.15
N SER A 512 -10.11 18.26 -1.16
CA SER A 512 -9.51 19.01 -0.07
C SER A 512 -10.26 20.30 0.19
N GLU A 513 -10.76 20.95 -0.87
CA GLU A 513 -11.47 22.21 -0.67
C GLU A 513 -12.75 22.02 0.12
N ALA A 514 -13.44 20.89 -0.09
CA ALA A 514 -14.64 20.59 0.70
C ALA A 514 -14.29 20.32 2.16
N ASP A 515 -13.15 19.67 2.42
CA ASP A 515 -12.70 19.43 3.79
C ASP A 515 -12.49 20.76 4.52
N GLU A 516 -11.86 21.74 3.84
CA GLU A 516 -11.69 23.06 4.41
C GLU A 516 -13.04 23.69 4.76
N LEU A 517 -13.99 23.67 3.81
CA LEU A 517 -15.29 24.26 4.08
C LEU A 517 -16.04 23.51 5.18
N ALA A 518 -15.93 22.19 5.20
CA ALA A 518 -16.61 21.43 6.25
C ALA A 518 -16.06 21.81 7.62
N MET A 519 -14.74 21.98 7.72
CA MET A 519 -14.16 22.34 9.02
C MET A 519 -14.50 23.79 9.39
N ASP A 520 -14.66 24.68 8.40
CA ASP A 520 -15.12 26.04 8.70
C ASP A 520 -16.48 26.02 9.40
N TYR A 521 -17.34 25.06 9.05
CA TYR A 521 -18.70 24.99 9.57
C TYR A 521 -18.77 24.45 11.00
N ALA A 522 -17.76 23.71 11.44
CA ALA A 522 -17.60 23.32 12.84
C ALA A 522 -18.78 22.50 13.36
N ALA A 523 -19.32 21.61 12.53
CA ALA A 523 -20.34 20.67 12.97
C ALA A 523 -19.81 19.25 13.14
N LEU A 524 -18.54 19.01 12.82
CA LEU A 524 -17.95 17.68 12.92
C LEU A 524 -16.49 17.81 13.29
N PHE A 525 -16.15 17.29 14.47
CA PHE A 525 -14.82 17.39 15.03
C PHE A 525 -14.15 16.03 15.01
N PRO A 526 -13.17 15.81 14.15
CA PRO A 526 -12.47 14.51 14.12
C PRO A 526 -11.51 14.40 15.30
N ILE A 527 -11.33 13.17 15.79
CA ILE A 527 -10.55 12.89 16.99
C ILE A 527 -9.36 12.01 16.63
N TYR A 528 -9.56 10.70 16.51
CA TYR A 528 -8.47 9.79 16.11
C TYR A 528 -9.06 8.43 15.76
N GLN A 529 -8.27 7.62 15.07
CA GLN A 529 -8.71 6.30 14.63
C GLN A 529 -8.81 5.30 15.77
N LEU A 530 -9.86 4.48 15.71
CA LEU A 530 -9.98 3.37 16.65
C LEU A 530 -8.86 2.36 16.42
N PRO A 531 -8.34 1.76 17.47
CA PRO A 531 -7.45 0.60 17.29
C PRO A 531 -8.26 -0.65 17.00
N THR A 532 -7.76 -1.44 16.05
CA THR A 532 -8.29 -2.78 15.86
C THR A 532 -7.66 -3.69 16.90
N ALA A 533 -8.23 -4.89 17.06
CA ALA A 533 -7.61 -5.90 17.92
C ALA A 533 -8.02 -7.27 17.40
N LEU A 534 -7.10 -7.94 16.74
CA LEU A 534 -7.26 -9.32 16.31
C LEU A 534 -6.47 -10.18 17.28
N ILE A 535 -7.17 -10.98 18.08
CA ILE A 535 -6.58 -11.78 19.13
C ILE A 535 -6.92 -13.23 18.83
N TYR A 536 -5.91 -14.09 18.79
CA TYR A 536 -6.11 -15.38 18.14
C TYR A 536 -5.08 -16.42 18.56
N LYS A 537 -5.43 -17.69 18.34
CA LYS A 537 -4.47 -18.76 18.53
C LYS A 537 -3.49 -18.80 17.36
N GLU A 538 -2.20 -18.71 17.69
CA GLU A 538 -1.18 -18.50 16.67
C GLU A 538 -0.94 -19.72 15.80
N ALA A 539 -1.53 -20.88 16.12
CA ALA A 539 -1.49 -21.99 15.19
C ALA A 539 -2.14 -21.66 13.85
N ILE A 540 -3.02 -20.66 13.82
CA ILE A 540 -3.72 -20.32 12.58
C ILE A 540 -2.81 -19.46 11.71
N LEU A 541 -2.55 -19.93 10.50
CA LEU A 541 -1.71 -19.23 9.54
C LEU A 541 -2.55 -18.49 8.51
N ASN A 542 -1.97 -17.38 8.00
CA ASN A 542 -2.54 -16.50 6.98
C ASN A 542 -3.74 -15.72 7.49
N LEU A 543 -3.89 -15.67 8.81
CA LEU A 543 -4.86 -14.83 9.49
C LEU A 543 -4.18 -13.52 9.87
N ARG A 544 -4.67 -12.42 9.34
CA ARG A 544 -4.07 -11.14 9.63
C ARG A 544 -5.12 -10.06 9.69
N ASP A 545 -4.76 -8.97 10.33
CA ASP A 545 -5.64 -7.83 10.38
C ASP A 545 -5.79 -7.25 8.98
N ASN A 546 -6.97 -6.76 8.70
CA ASN A 546 -7.29 -6.08 7.45
C ASN A 546 -8.11 -4.91 7.99
N PRO A 547 -7.43 -3.82 8.41
CA PRO A 547 -8.05 -2.81 9.31
C PRO A 547 -8.95 -1.82 8.58
N ASN A 548 -9.98 -2.37 7.95
CA ASN A 548 -10.93 -1.62 7.15
C ASN A 548 -12.27 -2.35 7.23
N GLN A 549 -13.26 -1.87 6.50
CA GLN A 549 -14.59 -2.43 6.64
C GLN A 549 -14.68 -3.89 6.16
N LEU A 550 -13.79 -4.31 5.26
CA LEU A 550 -13.88 -5.68 4.79
C LEU A 550 -13.37 -6.65 5.85
N GLY A 551 -12.25 -6.33 6.50
CA GLY A 551 -11.85 -7.04 7.68
C GLY A 551 -11.09 -8.33 7.46
N PRO A 552 -10.76 -9.00 8.56
CA PRO A 552 -9.83 -10.16 8.49
C PRO A 552 -10.32 -11.34 7.67
N ALA A 553 -11.61 -11.49 7.45
CA ALA A 553 -12.12 -12.61 6.66
C ALA A 553 -12.01 -12.38 5.15
N TYR A 554 -11.25 -11.38 4.72
CA TYR A 554 -11.03 -11.15 3.29
C TYR A 554 -10.32 -12.30 2.58
N ASN A 555 -9.64 -13.20 3.30
CA ASN A 555 -8.83 -14.24 2.65
C ASN A 555 -8.97 -15.61 3.32
N THR A 556 -10.20 -15.99 3.66
CA THR A 556 -10.38 -17.26 4.36
C THR A 556 -9.94 -18.47 3.54
N ALA A 557 -9.87 -18.36 2.21
CA ALA A 557 -9.37 -19.47 1.42
C ALA A 557 -7.97 -19.88 1.84
N GLU A 558 -7.21 -18.97 2.45
CA GLU A 558 -5.83 -19.21 2.82
C GLU A 558 -5.66 -19.63 4.27
N TRP A 559 -6.71 -19.52 5.10
CA TRP A 559 -6.60 -19.85 6.51
C TRP A 559 -6.38 -21.35 6.71
N GLY A 560 -5.47 -21.70 7.60
CA GLY A 560 -5.33 -23.07 8.02
C GLY A 560 -4.44 -23.17 9.23
N LEU A 561 -4.35 -24.37 9.76
CA LEU A 561 -3.57 -24.63 10.97
C LEU A 561 -2.18 -25.13 10.58
N ALA A 562 -1.19 -24.63 11.30
CA ALA A 562 0.18 -25.09 11.11
C ALA A 562 0.31 -26.57 11.42
N GLU A 563 1.20 -27.23 10.69
CA GLU A 563 1.47 -28.64 10.95
C GLU A 563 2.28 -28.82 12.23
N LEU A 564 1.95 -29.85 13.00
CA LEU A 564 2.73 -30.22 14.19
C LEU A 564 3.92 -31.07 13.74
N VAL B 31 2.75 -1.88 19.96
CA VAL B 31 1.70 -1.45 19.03
C VAL B 31 1.87 0.02 18.67
N THR B 32 1.89 0.31 17.37
CA THR B 32 2.17 1.66 16.88
C THR B 32 1.06 2.10 15.93
N GLY B 33 0.83 3.41 15.89
CA GLY B 33 -0.05 3.99 14.91
C GLY B 33 0.56 4.46 13.62
N GLU B 34 1.87 4.29 13.48
CA GLU B 34 2.56 4.60 12.25
C GLU B 34 2.40 3.46 11.24
N LEU B 35 2.10 3.81 10.01
CA LEU B 35 2.14 2.91 8.86
C LEU B 35 3.47 3.13 8.14
N ILE B 36 3.79 2.23 7.22
CA ILE B 36 5.05 2.42 6.49
C ILE B 36 5.07 3.75 5.76
N THR B 37 3.91 4.24 5.33
CA THR B 37 3.81 5.52 4.63
C THR B 37 3.77 6.74 5.55
N THR B 38 3.58 6.56 6.86
CA THR B 38 3.48 7.69 7.77
C THR B 38 4.50 7.67 8.92
N VAL B 39 5.46 6.77 8.90
CA VAL B 39 6.52 6.77 9.91
C VAL B 39 7.15 8.16 10.01
N ASN B 40 7.40 8.61 11.24
CA ASN B 40 8.12 9.88 11.49
C ASN B 40 7.47 11.08 10.80
N SER B 41 6.16 11.20 10.95
CA SER B 41 5.46 12.36 10.41
C SER B 41 5.45 13.49 11.42
N GLY B 42 5.50 14.72 10.92
CA GLY B 42 5.43 15.89 11.78
C GLY B 42 5.36 17.15 10.96
N THR B 43 5.17 18.27 11.67
CA THR B 43 5.21 19.59 11.05
C THR B 43 6.49 20.28 11.50
N PRO B 44 7.51 20.36 10.66
CA PRO B 44 8.76 20.97 11.09
C PRO B 44 8.68 22.50 11.10
N GLY B 45 9.65 23.09 11.78
CA GLY B 45 9.87 24.51 11.69
C GLY B 45 10.53 24.89 10.38
N LYS B 46 10.67 26.20 10.18
CA LYS B 46 11.31 26.75 9.00
C LYS B 46 12.78 27.02 9.31
N GLY B 47 13.65 26.62 8.40
CA GLY B 47 15.06 26.94 8.48
C GLY B 47 15.92 25.74 8.88
N GLY B 48 17.22 25.97 8.82
CA GLY B 48 18.19 24.97 9.25
C GLY B 48 18.78 24.18 8.09
N GLU B 49 19.61 23.20 8.48
CA GLU B 49 20.35 22.40 7.51
C GLU B 49 20.30 20.93 7.89
N VAL B 50 20.21 20.07 6.88
CA VAL B 50 20.33 18.62 7.02
C VAL B 50 21.39 18.13 6.04
N THR B 51 22.29 17.28 6.52
CA THR B 51 23.32 16.66 5.70
C THR B 51 23.11 15.16 5.66
N PHE B 52 23.09 14.60 4.44
CA PHE B 52 22.77 13.19 4.13
C PHE B 52 24.00 12.58 3.48
N ALA B 53 24.52 11.50 4.07
CA ALA B 53 25.73 10.89 3.53
C ALA B 53 25.39 10.04 2.31
N VAL B 54 26.20 10.15 1.27
CA VAL B 54 26.11 9.29 0.10
C VAL B 54 27.48 8.68 -0.13
N THR B 55 27.49 7.52 -0.79
CA THR B 55 28.68 6.68 -0.84
C THR B 55 29.39 6.72 -2.19
N ARG B 56 28.96 7.57 -3.13
CA ARG B 56 29.66 7.75 -4.39
C ARG B 56 29.91 9.22 -4.65
N ASP B 57 31.01 9.54 -5.34
CA ASP B 57 31.17 10.85 -5.94
C ASP B 57 30.19 10.98 -7.11
N ILE B 58 29.87 12.22 -7.46
CA ILE B 58 28.98 12.53 -8.57
C ILE B 58 29.83 12.92 -9.77
N THR B 59 29.86 12.08 -10.78
CA THR B 59 30.52 12.38 -12.04
C THR B 59 29.53 12.45 -13.19
N ASN B 60 28.27 12.05 -12.97
CA ASN B 60 27.21 12.05 -13.95
C ASN B 60 25.93 12.42 -13.21
N TRP B 61 25.26 13.47 -13.65
CA TRP B 61 24.10 14.04 -12.96
C TRP B 61 22.77 13.57 -13.56
N ASN B 62 22.81 12.66 -14.51
CA ASN B 62 21.64 12.25 -15.30
C ASN B 62 21.33 10.80 -14.95
N VAL B 63 20.39 10.61 -14.02
CA VAL B 63 20.10 9.29 -13.49
C VAL B 63 19.53 8.37 -14.56
N THR B 64 19.00 8.92 -15.64
CA THR B 64 18.42 8.07 -16.68
C THR B 64 19.47 7.56 -17.66
N SER B 65 20.69 8.08 -17.61
CA SER B 65 21.73 7.64 -18.53
C SER B 65 22.33 6.32 -18.06
N ALA B 66 23.06 5.68 -18.97
CA ALA B 66 23.66 4.39 -18.63
C ALA B 66 24.62 4.52 -17.46
N LEU B 67 25.43 5.57 -17.43
CA LEU B 67 26.45 5.72 -16.40
C LEU B 67 25.97 6.48 -15.17
N GLY B 68 24.83 7.16 -15.24
CA GLY B 68 24.30 7.85 -14.09
C GLY B 68 23.26 7.08 -13.31
N ASN B 69 22.94 5.85 -13.73
CA ASN B 69 21.85 5.12 -13.10
C ASN B 69 22.35 4.39 -11.85
N ASN B 70 22.25 5.04 -10.71
CA ASN B 70 22.52 4.41 -9.43
C ASN B 70 21.80 5.19 -8.36
N ALA B 71 21.79 4.62 -7.14
CA ALA B 71 20.98 5.18 -6.07
C ALA B 71 21.50 6.52 -5.59
N VAL B 72 22.80 6.79 -5.74
CA VAL B 72 23.34 8.07 -5.27
C VAL B 72 22.88 9.22 -6.16
N VAL B 73 23.02 9.06 -7.48
CA VAL B 73 22.55 10.09 -8.41
C VAL B 73 21.05 10.28 -8.27
N ARG B 74 20.30 9.18 -8.10
CA ARG B 74 18.86 9.26 -7.93
C ARG B 74 18.50 10.06 -6.68
N THR B 75 19.15 9.75 -5.56
CA THR B 75 18.91 10.45 -4.30
C THR B 75 19.26 11.93 -4.41
N VAL B 76 20.41 12.25 -5.01
CA VAL B 76 20.87 13.63 -5.03
C VAL B 76 20.05 14.49 -5.99
N THR B 77 19.49 13.91 -7.06
CA THR B 77 18.76 14.72 -8.02
C THR B 77 17.23 14.64 -7.87
N LEU B 78 16.71 13.73 -7.04
CA LEU B 78 15.27 13.72 -6.78
C LEU B 78 14.75 15.08 -6.28
N PRO B 79 15.53 15.87 -5.50
CA PRO B 79 15.00 17.18 -5.07
C PRO B 79 14.91 18.22 -6.16
N ILE B 80 15.48 17.99 -7.34
CA ILE B 80 15.46 18.97 -8.43
C ILE B 80 14.72 18.51 -9.67
N VAL B 81 14.45 17.22 -9.81
CA VAL B 81 13.85 16.66 -11.02
C VAL B 81 12.37 16.40 -10.76
N PRO B 82 11.45 16.93 -11.58
CA PRO B 82 10.04 16.57 -11.42
C PRO B 82 9.72 15.20 -12.02
N SER B 83 8.77 14.52 -11.38
CA SER B 83 8.35 13.16 -11.75
C SER B 83 6.85 13.11 -11.95
N ALA B 84 6.39 12.37 -12.96
CA ALA B 84 4.95 12.22 -13.16
C ALA B 84 4.31 11.42 -12.01
N PHE B 85 4.91 10.28 -11.67
CA PHE B 85 4.51 9.46 -10.54
C PHE B 85 5.75 9.21 -9.68
N MET B 86 5.52 8.89 -8.40
CA MET B 86 6.62 8.58 -7.49
C MET B 86 6.30 7.33 -6.72
N VAL B 87 7.30 6.46 -6.54
CA VAL B 87 7.12 5.24 -5.77
C VAL B 87 7.11 5.58 -4.27
N GLN B 88 6.11 5.05 -3.56
CA GLN B 88 5.84 5.29 -2.15
C GLN B 88 6.33 4.14 -1.31
N PRO B 89 6.39 4.33 0.03
CA PRO B 89 6.99 3.28 0.86
C PRO B 89 6.20 1.97 0.88
N ASP B 90 4.91 1.99 0.56
CA ASP B 90 4.11 0.77 0.41
C ASP B 90 4.22 0.17 -0.98
N PHE B 91 5.15 0.69 -1.80
CA PHE B 91 5.48 0.17 -3.15
C PHE B 91 4.36 0.43 -4.15
N THR B 92 3.55 1.45 -3.90
CA THR B 92 2.56 1.92 -4.86
C THR B 92 3.13 3.14 -5.58
N LEU B 93 2.53 3.45 -6.72
CA LEU B 93 2.85 4.67 -7.47
C LEU B 93 1.82 5.74 -7.12
N LYS B 94 2.29 6.93 -6.75
CA LYS B 94 1.44 8.08 -6.47
C LYS B 94 1.66 9.14 -7.53
N MET B 95 0.58 9.56 -8.19
CA MET B 95 0.67 10.67 -9.13
C MET B 95 1.12 11.93 -8.39
N ASN B 96 2.06 12.65 -9.00
CA ASN B 96 2.60 13.89 -8.46
C ASN B 96 1.61 15.02 -8.69
N THR B 97 0.85 15.39 -7.66
CA THR B 97 -0.16 16.43 -7.78
C THR B 97 0.44 17.84 -7.69
N ASP B 98 1.73 17.97 -7.40
CA ASP B 98 2.39 19.27 -7.55
C ASP B 98 2.63 19.58 -9.02
N LEU B 99 2.97 18.57 -9.80
CA LEU B 99 3.20 18.72 -11.24
C LEU B 99 1.92 18.60 -12.05
N LEU B 100 1.07 17.64 -11.72
CA LEU B 100 -0.03 17.23 -12.58
C LEU B 100 -1.39 17.51 -11.95
N GLU B 101 -2.30 18.02 -12.77
CA GLU B 101 -3.71 17.97 -12.41
C GLU B 101 -4.26 16.56 -12.55
N SER B 102 -3.87 15.86 -13.62
CA SER B 102 -4.42 14.54 -13.88
C SER B 102 -3.53 13.78 -14.86
N ALA B 103 -3.68 12.45 -14.81
CA ALA B 103 -3.04 11.54 -15.75
C ALA B 103 -4.04 10.40 -15.89
N GLU B 104 -4.43 10.11 -17.12
CA GLU B 104 -5.57 9.23 -17.34
C GLU B 104 -5.35 8.38 -18.58
N LEU B 105 -5.67 7.10 -18.45
CA LEU B 105 -5.77 6.18 -19.59
C LEU B 105 -7.11 6.44 -20.24
N THR B 106 -7.12 7.21 -21.33
CA THR B 106 -8.38 7.65 -21.91
C THR B 106 -8.95 6.69 -22.95
N SER B 107 -8.12 5.81 -23.50
CA SER B 107 -8.62 4.81 -24.43
C SER B 107 -7.64 3.66 -24.45
N THR B 108 -8.12 2.50 -24.93
CA THR B 108 -7.25 1.34 -25.12
C THR B 108 -7.22 0.84 -26.54
N ASP B 109 -7.84 1.53 -27.48
CA ASP B 109 -7.80 1.12 -28.89
C ASP B 109 -7.71 2.35 -29.77
N PRO B 110 -6.48 2.88 -29.97
CA PRO B 110 -5.23 2.43 -29.36
C PRO B 110 -5.08 2.96 -27.93
N GLN B 111 -4.14 2.38 -27.19
CA GLN B 111 -3.88 2.86 -25.85
C GLN B 111 -3.44 4.32 -25.89
N THR B 112 -4.11 5.15 -25.10
CA THR B 112 -3.90 6.59 -25.09
C THR B 112 -3.87 7.05 -23.64
N VAL B 113 -2.86 7.82 -23.28
CA VAL B 113 -2.72 8.43 -21.95
C VAL B 113 -2.67 9.94 -22.12
N VAL B 114 -3.45 10.67 -21.32
CA VAL B 114 -3.45 12.11 -21.34
C VAL B 114 -2.96 12.63 -20.00
N TYR B 115 -1.97 13.50 -20.05
CA TYR B 115 -1.46 14.21 -18.89
C TYR B 115 -1.90 15.66 -18.95
N ARG B 116 -2.46 16.17 -17.87
CA ARG B 116 -2.74 17.60 -17.73
CA ARG B 116 -2.74 17.60 -17.73
C ARG B 116 -1.79 18.15 -16.68
N ILE B 117 -0.87 19.00 -17.12
CA ILE B 117 0.13 19.62 -16.26
C ILE B 117 -0.48 20.83 -15.57
N ARG B 118 -0.20 20.98 -14.28
CA ARG B 118 -0.66 22.17 -13.57
C ARG B 118 -0.15 23.45 -14.21
N GLU B 119 -1.02 24.45 -14.28
CA GLU B 119 -0.63 25.74 -14.85
C GLU B 119 0.55 26.34 -14.11
N ASP B 120 0.59 26.19 -12.79
CA ASP B 120 1.65 26.79 -12.00
C ASP B 120 2.94 25.99 -11.98
N ALA B 121 3.00 24.83 -12.63
CA ALA B 121 4.24 24.07 -12.64
C ALA B 121 5.22 24.77 -13.58
N VAL B 122 6.37 25.16 -13.03
CA VAL B 122 7.37 25.94 -13.75
C VAL B 122 8.76 25.47 -13.36
N TRP B 123 9.72 25.69 -14.27
CA TRP B 123 11.13 25.53 -13.95
C TRP B 123 11.60 26.72 -13.12
N SER B 124 12.80 26.57 -12.53
CA SER B 124 13.31 27.57 -11.58
C SER B 124 13.60 28.91 -12.22
N ASP B 125 13.63 29.00 -13.57
CA ASP B 125 13.78 30.26 -14.27
C ASP B 125 12.45 30.87 -14.68
N GLY B 126 11.34 30.29 -14.24
CA GLY B 126 10.02 30.80 -14.57
C GLY B 126 9.40 30.24 -15.84
N VAL B 127 10.17 29.50 -16.64
CA VAL B 127 9.62 28.91 -17.86
C VAL B 127 8.69 27.77 -17.48
N PRO B 128 7.44 27.76 -17.97
CA PRO B 128 6.52 26.68 -17.57
C PRO B 128 7.04 25.30 -17.94
N ILE B 129 6.71 24.33 -17.08
CA ILE B 129 6.85 22.93 -17.45
C ILE B 129 5.72 22.58 -18.41
N THR B 130 6.07 21.99 -19.56
CA THR B 130 5.12 21.80 -20.64
C THR B 130 5.37 20.47 -21.34
N GLY B 131 4.54 20.20 -22.36
CA GLY B 131 4.75 19.04 -23.20
C GLY B 131 6.10 19.02 -23.88
N ASP B 132 6.77 20.18 -24.01
CA ASP B 132 8.12 20.17 -24.57
C ASP B 132 9.03 19.25 -23.74
N ASP B 133 8.83 19.25 -22.42
CA ASP B 133 9.68 18.45 -21.55
C ASP B 133 9.34 16.97 -21.65
N PHE B 134 8.05 16.64 -21.78
CA PHE B 134 7.67 15.26 -22.03
C PHE B 134 8.25 14.77 -23.35
N ILE B 135 8.13 15.59 -24.39
CA ILE B 135 8.58 15.19 -25.73
C ILE B 135 10.09 15.01 -25.75
N TYR B 136 10.84 15.94 -25.15
CA TYR B 136 12.28 15.78 -25.09
C TYR B 136 12.67 14.47 -24.43
N PHE B 137 12.10 14.18 -23.26
CA PHE B 137 12.50 12.98 -22.54
C PHE B 137 12.14 11.73 -23.34
N TRP B 138 10.91 11.66 -23.86
CA TRP B 138 10.52 10.55 -24.72
C TRP B 138 11.49 10.33 -25.86
N LYS B 139 11.90 11.41 -26.54
CA LYS B 139 12.81 11.28 -27.66
C LYS B 139 14.16 10.72 -27.20
N THR B 140 14.64 11.09 -26.01
CA THR B 140 15.89 10.53 -25.54
C THR B 140 15.76 9.05 -25.19
N GLN B 141 14.56 8.60 -24.85
CA GLN B 141 14.35 7.27 -24.30
C GLN B 141 13.75 6.27 -25.27
N ASN B 142 13.29 6.71 -26.45
CA ASN B 142 12.43 5.84 -27.26
C ASN B 142 13.20 5.01 -28.29
N ARG B 143 14.52 5.07 -28.28
CA ARG B 143 15.41 4.26 -29.13
C ARG B 143 15.37 4.66 -30.59
N ARG B 144 14.56 5.65 -30.98
CA ARG B 144 14.41 5.99 -32.39
C ARG B 144 14.87 7.40 -32.72
N ASP B 145 14.45 8.39 -31.94
CA ASP B 145 14.73 9.78 -32.26
C ASP B 145 16.12 10.23 -31.82
N CYS B 146 16.81 9.44 -31.01
CA CYS B 146 18.17 9.77 -30.55
C CYS B 146 18.94 8.48 -30.40
N PRO B 147 19.35 7.85 -31.51
CA PRO B 147 20.09 6.59 -31.40
C PRO B 147 21.40 6.71 -30.64
N GLU B 148 21.94 7.93 -30.49
CA GLU B 148 23.22 8.10 -29.81
C GLU B 148 23.06 8.42 -28.32
N CYS B 149 21.84 8.64 -27.84
CA CYS B 149 21.65 8.81 -26.40
C CYS B 149 22.02 7.52 -25.68
N LEU B 150 22.91 7.62 -24.70
CA LEU B 150 23.39 6.44 -23.99
C LEU B 150 22.54 6.30 -22.74
N ILE B 151 21.41 5.60 -22.88
CA ILE B 151 20.44 5.52 -21.80
C ILE B 151 20.61 4.23 -21.02
N ASN B 152 20.02 4.20 -19.84
CA ASN B 152 19.98 2.96 -19.06
C ASN B 152 19.02 1.95 -19.68
N ALA B 153 17.76 2.35 -19.89
CA ALA B 153 16.77 1.48 -20.50
C ALA B 153 15.54 2.28 -20.87
N SER B 154 14.82 1.82 -21.90
CA SER B 154 13.64 2.54 -22.38
C SER B 154 12.47 2.37 -21.43
N TYR B 155 12.31 1.17 -20.85
CA TYR B 155 11.26 0.87 -19.88
C TYR B 155 9.87 1.21 -20.43
N GLY B 156 9.69 1.03 -21.73
CA GLY B 156 8.40 1.23 -22.35
C GLY B 156 8.21 2.57 -23.03
N HIS B 157 9.13 3.52 -22.89
CA HIS B 157 8.97 4.78 -23.62
C HIS B 157 8.91 4.53 -25.13
N ASP B 158 9.59 3.48 -25.61
CA ASP B 158 9.54 3.16 -27.03
C ASP B 158 8.17 2.64 -27.48
N PHE B 159 7.29 2.24 -26.55
CA PHE B 159 5.94 1.86 -26.93
C PHE B 159 5.07 3.07 -27.25
N ILE B 160 5.48 4.27 -26.87
CA ILE B 160 4.77 5.48 -27.26
C ILE B 160 5.18 5.84 -28.69
N GLU B 161 4.21 5.86 -29.59
CA GLU B 161 4.42 6.08 -31.02
C GLU B 161 4.31 7.56 -31.39
N THR B 162 3.35 8.26 -30.80
CA THR B 162 3.18 9.69 -31.01
C THR B 162 2.97 10.34 -29.65
N LEU B 163 3.52 11.54 -29.49
CA LEU B 163 3.43 12.30 -28.25
C LEU B 163 3.22 13.75 -28.66
N GLU B 164 2.04 14.28 -28.38
CA GLU B 164 1.62 15.59 -28.87
C GLU B 164 1.16 16.42 -27.68
N GLN B 165 1.17 17.73 -27.87
CA GLN B 165 0.70 18.65 -26.85
C GLN B 165 -0.27 19.64 -27.50
N ASP B 166 -1.15 20.18 -26.68
CA ASP B 166 -2.10 21.17 -27.15
C ASP B 166 -1.41 22.54 -27.27
N GLU B 167 -2.20 23.53 -27.68
CA GLU B 167 -1.68 24.87 -27.91
C GLU B 167 -1.09 25.49 -26.65
N THR B 168 -1.65 25.18 -25.48
CA THR B 168 -1.16 25.77 -24.24
C THR B 168 0.10 25.10 -23.71
N GLY B 169 0.41 23.90 -24.20
CA GLY B 169 1.53 23.14 -23.72
C GLY B 169 1.27 22.36 -22.45
N LYS B 170 0.06 22.45 -21.89
CA LYS B 170 -0.21 21.81 -20.62
C LYS B 170 -1.01 20.52 -20.74
N VAL B 171 -1.46 20.15 -21.92
CA VAL B 171 -2.17 18.89 -22.13
C VAL B 171 -1.34 18.04 -23.10
N VAL B 172 -0.91 16.88 -22.62
CA VAL B 172 0.01 16.00 -23.34
C VAL B 172 -0.70 14.69 -23.63
N THR B 173 -0.70 14.27 -24.89
CA THR B 173 -1.37 13.04 -25.29
C THR B 173 -0.36 12.05 -25.84
N ALA B 174 -0.25 10.90 -25.19
CA ALA B 174 0.62 9.80 -25.59
C ALA B 174 -0.22 8.70 -26.24
N THR B 175 0.09 8.36 -27.48
CA THR B 175 -0.56 7.27 -28.18
C THR B 175 0.44 6.14 -28.35
N PHE B 176 0.04 4.94 -27.94
CA PHE B 176 0.91 3.77 -27.89
C PHE B 176 0.72 2.92 -29.13
N SER B 177 1.81 2.30 -29.61
CA SER B 177 1.70 1.39 -30.75
C SER B 177 1.18 0.02 -30.36
N GLU B 178 1.29 -0.35 -29.08
CA GLU B 178 0.71 -1.59 -28.58
C GLU B 178 0.49 -1.42 -27.09
N PRO B 179 -0.29 -2.31 -26.47
CA PRO B 179 -0.64 -2.11 -25.05
C PRO B 179 0.59 -2.20 -24.15
N PHE B 180 0.56 -1.39 -23.09
CA PHE B 180 1.66 -1.37 -22.14
C PHE B 180 1.12 -1.10 -20.74
N LEU B 181 1.26 -2.09 -19.87
CA LEU B 181 0.79 -2.01 -18.50
C LEU B 181 1.47 -0.89 -17.72
N GLY B 182 2.79 -0.74 -17.87
CA GLY B 182 3.56 0.07 -16.94
C GLY B 182 3.67 1.54 -17.27
N TRP B 183 2.61 2.13 -17.81
CA TRP B 183 2.72 3.50 -18.29
C TRP B 183 2.90 4.52 -17.16
N GLN B 184 2.48 4.19 -15.92
CA GLN B 184 2.70 5.08 -14.80
C GLN B 184 4.16 5.14 -14.40
N GLY B 185 5.01 4.21 -14.89
CA GLY B 185 6.45 4.29 -14.71
C GLY B 185 7.17 5.19 -15.68
N LEU B 186 6.46 5.73 -16.67
CA LEU B 186 7.07 6.60 -17.66
C LEU B 186 7.12 8.05 -17.19
N PHE B 187 8.04 8.81 -17.75
CA PHE B 187 8.20 10.22 -17.41
C PHE B 187 8.41 10.42 -15.92
N MET B 188 9.14 9.50 -15.29
CA MET B 188 9.45 9.63 -13.86
C MET B 188 10.59 10.61 -13.61
N PHE B 189 11.34 11.00 -14.64
CA PHE B 189 12.41 11.99 -14.52
C PHE B 189 12.30 12.92 -15.73
N LEU B 190 11.94 14.18 -15.49
CA LEU B 190 11.83 15.16 -16.56
C LEU B 190 12.95 16.19 -16.46
N TYR B 191 13.49 16.57 -17.59
CA TYR B 191 14.58 17.54 -17.71
C TYR B 191 14.13 18.75 -18.53
N PRO B 192 14.76 19.91 -18.32
CA PRO B 192 14.28 21.13 -18.96
C PRO B 192 14.66 21.23 -20.42
N ALA B 193 13.68 20.96 -21.28
CA ALA B 193 13.93 20.92 -22.72
C ALA B 193 14.41 22.27 -23.24
N HIS B 194 13.87 23.36 -22.70
CA HIS B 194 14.24 24.67 -23.21
C HIS B 194 15.70 25.01 -22.91
N LEU B 195 16.30 24.39 -21.89
CA LEU B 195 17.72 24.55 -21.62
C LEU B 195 18.55 23.56 -22.42
N ALA B 196 18.10 22.29 -22.51
CA ALA B 196 18.84 21.31 -23.30
C ALA B 196 18.98 21.79 -24.74
N GLU B 197 17.94 22.43 -25.27
CA GLU B 197 17.95 22.91 -26.65
C GLU B 197 19.09 23.86 -26.94
N LYS B 198 19.63 24.53 -25.92
CA LYS B 198 20.71 25.49 -26.11
C LYS B 198 22.08 24.84 -26.17
N HIS B 199 22.17 23.52 -26.01
CA HIS B 199 23.43 22.82 -25.85
C HIS B 199 23.55 21.69 -26.84
N GLY B 200 23.31 21.98 -28.11
CA GLY B 200 23.55 21.02 -29.18
C GLY B 200 22.31 20.24 -29.56
N ASP B 201 22.53 19.21 -30.35
CA ASP B 201 21.46 18.30 -30.74
C ASP B 201 21.04 17.48 -29.53
N ILE B 202 20.01 16.66 -29.71
CA ILE B 202 19.44 15.93 -28.58
C ILE B 202 20.49 15.05 -27.90
N ALA B 203 21.28 14.32 -28.70
CA ALA B 203 22.27 13.43 -28.11
C ALA B 203 23.33 14.22 -27.35
N GLU B 204 23.78 15.34 -27.91
CA GLU B 204 24.74 16.18 -27.23
C GLU B 204 24.18 16.70 -25.91
N SER B 205 22.93 17.18 -25.91
CA SER B 205 22.39 17.78 -24.71
C SER B 205 22.11 16.73 -23.64
N TYR B 206 21.79 15.50 -24.05
CA TYR B 206 21.51 14.45 -23.08
C TYR B 206 22.80 13.84 -22.54
N ASN B 207 23.72 13.50 -23.44
CA ASN B 207 24.95 12.81 -23.04
C ASN B 207 25.95 13.76 -22.38
N ASN B 208 25.92 15.04 -22.70
CA ASN B 208 26.92 15.98 -22.19
C ASN B 208 26.28 17.01 -21.24
N PHE B 209 25.46 17.92 -21.75
CA PHE B 209 24.91 18.98 -20.88
C PHE B 209 24.24 18.41 -19.63
N LEU B 210 23.30 17.48 -19.81
CA LEU B 210 22.55 17.00 -18.65
C LEU B 210 23.35 16.00 -17.81
N SER B 211 24.35 15.35 -18.38
CA SER B 211 25.12 14.36 -17.64
C SER B 211 26.35 14.97 -16.96
N ASN B 212 27.12 15.77 -17.69
CA ASN B 212 28.40 16.23 -17.20
C ASN B 212 28.34 17.49 -16.36
N GLU B 213 27.40 18.39 -16.61
CA GLU B 213 27.37 19.68 -15.96
C GLU B 213 26.62 19.60 -14.63
N VAL B 214 27.12 20.33 -13.64
CA VAL B 214 26.33 20.47 -12.40
C VAL B 214 25.06 21.23 -12.69
N PRO B 215 23.89 20.69 -12.37
CA PRO B 215 22.66 21.35 -12.83
C PRO B 215 22.44 22.68 -12.14
N ALA B 216 22.20 23.72 -12.95
CA ALA B 216 21.86 25.03 -12.40
C ALA B 216 20.35 25.23 -12.26
N TRP B 217 19.57 24.32 -12.83
CA TRP B 217 18.12 24.42 -12.94
C TRP B 217 17.46 23.51 -11.92
N SER B 218 16.16 23.72 -11.74
CA SER B 218 15.38 22.82 -10.91
C SER B 218 13.92 22.92 -11.29
N GLY B 219 13.23 21.79 -11.14
CA GLY B 219 11.78 21.74 -11.18
C GLY B 219 11.20 21.18 -9.89
N GLY B 220 12.01 21.23 -8.83
CA GLY B 220 11.65 20.67 -7.55
C GLY B 220 11.83 21.66 -6.42
N PRO B 221 11.71 21.16 -5.18
CA PRO B 221 11.77 22.06 -4.01
C PRO B 221 13.14 22.67 -3.77
N TYR B 222 14.22 22.03 -4.20
CA TYR B 222 15.58 22.48 -3.97
C TYR B 222 16.30 22.66 -5.30
N MET B 223 17.43 23.36 -5.25
CA MET B 223 18.30 23.56 -6.40
C MET B 223 19.73 23.59 -5.90
N VAL B 224 20.66 23.22 -6.78
CA VAL B 224 22.07 23.12 -6.40
C VAL B 224 22.67 24.52 -6.30
N GLU B 225 23.31 24.80 -5.16
CA GLU B 225 24.05 26.04 -4.95
C GLU B 225 25.54 25.86 -5.30
N SER B 226 26.12 24.73 -4.92
CA SER B 226 27.54 24.48 -5.18
C SER B 226 27.78 22.98 -5.15
N PHE B 227 28.89 22.58 -5.76
CA PHE B 227 29.34 21.19 -5.75
C PHE B 227 30.85 21.19 -5.58
N ASP B 228 31.32 20.54 -4.51
CA ASP B 228 32.74 20.35 -4.27
C ASP B 228 33.08 18.91 -4.61
N PRO B 229 33.76 18.63 -5.72
CA PRO B 229 33.91 17.23 -6.18
C PRO B 229 34.52 16.33 -5.13
N GLY B 230 33.93 15.15 -5.00
CA GLY B 230 34.36 14.18 -4.02
C GLY B 230 34.07 14.56 -2.59
N GLN B 231 33.36 15.66 -2.36
CA GLN B 231 33.16 16.13 -1.01
C GLN B 231 31.70 16.41 -0.66
N LEU B 232 31.04 17.29 -1.42
CA LEU B 232 29.79 17.86 -0.91
C LEU B 232 28.93 18.48 -2.01
N VAL B 233 27.66 18.10 -2.03
CA VAL B 233 26.65 18.79 -2.83
C VAL B 233 25.84 19.65 -1.87
N THR B 234 25.71 20.95 -2.17
CA THR B 234 24.93 21.87 -1.34
C THR B 234 23.74 22.36 -2.15
N LEU B 235 22.54 22.09 -1.65
CA LEU B 235 21.31 22.56 -2.27
C LEU B 235 20.64 23.61 -1.38
N VAL B 236 19.90 24.52 -2.01
CA VAL B 236 19.13 25.56 -1.33
C VAL B 236 17.71 25.55 -1.88
N PRO B 237 16.77 26.22 -1.22
CA PRO B 237 15.40 26.28 -1.74
C PRO B 237 15.36 26.86 -3.16
N ASN B 238 14.49 26.29 -3.97
CA ASN B 238 14.12 26.83 -5.26
C ASN B 238 13.05 27.89 -5.05
N PRO B 239 13.37 29.16 -5.26
CA PRO B 239 12.39 30.23 -4.96
C PRO B 239 11.11 30.12 -5.75
N LYS B 240 11.12 29.41 -6.88
CA LYS B 240 9.93 29.25 -7.70
C LYS B 240 9.30 27.88 -7.54
N TRP B 241 9.62 27.16 -6.47
CA TRP B 241 8.94 25.89 -6.20
C TRP B 241 7.42 26.12 -6.12
N TYR B 242 6.69 25.24 -6.79
CA TYR B 242 5.25 25.40 -7.03
C TYR B 242 4.42 24.37 -6.29
N GLY B 243 5.03 23.53 -5.47
CA GLY B 243 4.32 22.47 -4.80
C GLY B 243 3.62 22.91 -3.52
N GLU B 244 2.78 21.99 -3.03
CA GLU B 244 1.95 22.29 -1.86
C GLU B 244 2.77 22.47 -0.60
N LYS B 245 3.81 21.65 -0.42
CA LYS B 245 4.57 21.66 0.81
C LYS B 245 6.02 22.06 0.59
N GLY B 246 6.58 22.77 1.57
CA GLY B 246 8.00 23.00 1.64
C GLY B 246 8.51 24.01 0.63
N PRO B 247 9.84 24.13 0.49
CA PRO B 247 10.82 23.41 1.34
C PRO B 247 10.91 24.05 2.70
N TYR B 248 11.42 23.30 3.68
CA TYR B 248 11.56 23.78 5.05
C TYR B 248 12.99 24.14 5.43
N LEU B 249 13.99 23.64 4.72
CA LEU B 249 15.38 23.83 5.10
C LEU B 249 16.04 24.99 4.37
N ASP B 250 16.96 25.66 5.06
CA ASP B 250 17.80 26.65 4.38
C ASP B 250 18.81 25.99 3.46
N LYS B 251 19.33 24.81 3.84
CA LYS B 251 20.25 24.07 3.01
C LYS B 251 20.04 22.58 3.21
N LEU B 252 20.13 21.85 2.11
CA LEU B 252 20.10 20.40 2.09
C LEU B 252 21.40 19.96 1.45
N LYS B 253 22.22 19.21 2.20
CA LYS B 253 23.55 18.85 1.77
C LYS B 253 23.66 17.35 1.63
N PHE B 254 24.39 16.93 0.61
CA PHE B 254 24.77 15.53 0.44
C PHE B 254 26.28 15.44 0.56
N ARG B 255 26.74 14.81 1.64
CA ARG B 255 28.18 14.65 1.92
C ARG B 255 28.68 13.32 1.38
N ILE B 256 29.75 13.37 0.59
CA ILE B 256 30.28 12.19 -0.07
C ILE B 256 31.24 11.48 0.87
N ILE B 257 30.89 10.25 1.25
CA ILE B 257 31.71 9.40 2.12
C ILE B 257 31.77 8.04 1.43
N THR B 258 32.80 7.82 0.62
CA THR B 258 32.87 6.62 -0.19
C THR B 258 33.24 5.38 0.61
N ASP B 259 33.89 5.53 1.75
CA ASP B 259 34.17 4.42 2.66
C ASP B 259 32.90 4.18 3.47
N SER B 260 32.06 3.24 3.01
CA SER B 260 30.74 3.06 3.61
C SER B 260 30.80 2.68 5.08
N THR B 261 31.92 2.11 5.54
CA THR B 261 32.01 1.70 6.94
C THR B 261 32.32 2.86 7.89
N GLN B 262 32.65 4.03 7.36
CA GLN B 262 32.85 5.23 8.17
C GLN B 262 31.58 6.08 8.32
N GLN B 263 30.45 5.62 7.78
CA GLN B 263 29.25 6.44 7.83
C GLN B 263 28.73 6.59 9.26
N LEU B 264 28.69 5.49 10.02
CA LEU B 264 28.18 5.59 11.39
C LEU B 264 29.07 6.47 12.26
N THR B 265 30.39 6.47 12.02
CA THR B 265 31.25 7.39 12.76
C THR B 265 30.95 8.84 12.40
N ALA B 266 30.76 9.13 11.11
CA ALA B 266 30.43 10.49 10.70
C ALA B 266 29.14 10.97 11.34
N LEU B 267 28.15 10.08 11.44
CA LEU B 267 26.90 10.45 12.10
C LEU B 267 27.13 10.72 13.59
N GLU B 268 27.88 9.84 14.25
CA GLU B 268 28.17 10.01 15.67
C GLU B 268 28.87 11.33 15.93
N ASN B 269 29.83 11.69 15.08
CA ASN B 269 30.58 12.93 15.24
C ASN B 269 29.85 14.17 14.75
N GLY B 270 28.68 14.03 14.15
CA GLY B 270 27.98 15.21 13.68
C GLY B 270 28.38 15.70 12.31
N GLU B 271 29.23 14.95 11.59
CA GLU B 271 29.60 15.35 10.24
C GLU B 271 28.40 15.23 9.28
N VAL B 272 27.49 14.31 9.54
CA VAL B 272 26.26 14.17 8.78
C VAL B 272 25.14 13.96 9.78
N ASP B 273 23.90 14.09 9.29
CA ASP B 273 22.70 13.90 10.11
C ASP B 273 21.90 12.66 9.72
N VAL B 274 22.19 12.08 8.56
CA VAL B 274 21.44 10.95 8.02
C VAL B 274 22.40 10.05 7.25
N ILE B 275 22.31 8.74 7.46
CA ILE B 275 23.01 7.77 6.63
C ILE B 275 22.03 6.69 6.21
N TYR B 276 22.34 6.02 5.10
CA TYR B 276 21.49 4.99 4.51
C TYR B 276 22.37 3.86 3.98
N PRO B 277 23.13 3.22 4.86
CA PRO B 277 24.10 2.21 4.40
C PRO B 277 23.43 1.00 3.76
N GLN B 278 24.15 0.42 2.78
CA GLN B 278 23.57 -0.62 1.92
C GLN B 278 23.68 -2.03 2.51
N GLY B 279 24.66 -2.30 3.35
CA GLY B 279 24.89 -3.68 3.76
C GLY B 279 24.79 -3.90 5.26
N ALA B 280 23.58 -3.80 5.81
CA ALA B 280 23.42 -3.85 7.25
C ALA B 280 23.81 -5.20 7.82
N THR B 281 24.39 -5.17 9.03
CA THR B 281 24.80 -6.34 9.77
C THR B 281 24.20 -6.28 11.17
N GLN B 282 24.28 -7.39 11.88
CA GLN B 282 23.89 -7.37 13.29
C GLN B 282 24.71 -6.34 14.06
N ASP B 283 26.03 -6.30 13.82
CA ASP B 283 26.87 -5.35 14.53
C ASP B 283 26.45 -3.91 14.27
N MET B 284 26.17 -3.57 13.01
CA MET B 284 25.74 -2.22 12.67
C MET B 284 24.46 -1.86 13.40
N VAL B 285 23.49 -2.78 13.45
CA VAL B 285 22.24 -2.52 14.14
C VAL B 285 22.49 -2.29 15.63
N GLU B 286 23.34 -3.13 16.23
CA GLU B 286 23.66 -2.96 17.65
C GLU B 286 24.31 -1.61 17.89
N GLN B 287 25.24 -1.20 17.03
CA GLN B 287 25.89 0.10 17.23
C GLN B 287 24.88 1.23 17.13
N ALA B 288 24.00 1.17 16.12
CA ALA B 288 22.99 2.20 15.93
C ALA B 288 22.06 2.29 17.14
N ALA B 289 21.59 1.13 17.62
CA ALA B 289 20.76 1.14 18.82
C ALA B 289 21.51 1.73 20.01
N GLY B 290 22.83 1.52 20.07
CA GLY B 290 23.61 2.06 21.17
C GLY B 290 23.73 3.57 21.18
N LEU B 291 23.35 4.24 20.09
CA LEU B 291 23.48 5.68 19.97
C LEU B 291 22.18 6.42 20.25
N ASP B 292 21.17 5.72 20.76
CA ASP B 292 19.90 6.38 21.05
C ASP B 292 20.08 7.55 22.00
N TYR B 293 21.06 7.48 22.89
CA TYR B 293 21.27 8.56 23.87
C TYR B 293 21.83 9.82 23.22
N LEU B 294 22.31 9.73 21.98
CA LEU B 294 22.75 10.89 21.23
C LEU B 294 21.65 11.44 20.32
N GLY B 295 20.41 10.99 20.50
CA GLY B 295 19.33 11.48 19.66
C GLY B 295 19.27 10.83 18.30
N ILE B 296 19.79 9.63 18.17
CA ILE B 296 19.84 8.91 16.90
C ILE B 296 18.81 7.78 16.94
N ASP B 297 18.01 7.68 15.89
CA ASP B 297 17.09 6.57 15.73
C ASP B 297 17.34 5.93 14.37
N PHE B 298 16.64 4.83 14.14
CA PHE B 298 16.83 4.12 12.88
C PHE B 298 15.55 3.40 12.47
N GLN B 299 15.43 3.20 11.17
CA GLN B 299 14.34 2.46 10.55
C GLN B 299 14.96 1.39 9.66
N MET B 300 14.35 0.21 9.62
CA MET B 300 14.82 -0.88 8.78
C MET B 300 13.62 -1.64 8.23
N ASN B 301 13.68 -1.99 6.94
CA ASN B 301 12.59 -2.68 6.27
C ASN B 301 13.16 -3.65 5.24
N PRO B 302 12.36 -4.62 4.78
CA PRO B 302 12.77 -5.41 3.61
C PRO B 302 12.82 -4.54 2.36
N SER B 303 13.96 -4.58 1.68
CA SER B 303 14.28 -3.81 0.48
C SER B 303 13.62 -4.43 -0.77
N ALA B 304 13.50 -3.61 -1.82
CA ALA B 304 13.24 -4.12 -3.16
C ALA B 304 14.44 -4.86 -3.73
N ASN B 305 15.60 -4.75 -3.10
CA ASN B 305 16.79 -5.47 -3.51
C ASN B 305 16.75 -6.86 -2.92
N TRP B 306 17.07 -7.86 -3.74
CA TRP B 306 17.03 -9.24 -3.28
C TRP B 306 18.28 -9.99 -3.70
N TYR B 307 18.87 -10.70 -2.75
CA TYR B 307 20.03 -11.54 -3.01
C TYR B 307 19.66 -12.73 -3.89
N PHE B 308 20.61 -13.09 -4.76
CA PHE B 308 20.49 -14.26 -5.61
C PHE B 308 21.87 -14.88 -5.74
N MET B 309 21.88 -16.14 -6.16
CA MET B 309 23.07 -16.76 -6.73
C MET B 309 22.76 -17.10 -8.18
N GLY B 310 23.53 -16.53 -9.10
CA GLY B 310 23.39 -16.86 -10.50
C GLY B 310 24.39 -17.94 -10.89
N LEU B 311 23.99 -18.74 -11.88
CA LEU B 311 24.79 -19.86 -12.38
C LEU B 311 25.03 -19.69 -13.88
N ASN B 312 26.27 -19.90 -14.29
CA ASN B 312 26.66 -19.62 -15.67
C ASN B 312 26.21 -20.76 -16.57
N SER B 313 25.01 -20.61 -17.15
CA SER B 313 24.50 -21.65 -18.03
C SER B 313 25.12 -21.61 -19.42
N LYS B 314 25.93 -20.60 -19.73
CA LYS B 314 26.49 -20.43 -21.06
C LYS B 314 27.80 -21.18 -21.24
N ALA B 315 28.59 -21.33 -20.18
CA ALA B 315 29.93 -21.88 -20.33
C ALA B 315 30.41 -22.43 -19.00
N GLY B 316 31.34 -23.38 -19.08
CA GLY B 316 31.93 -23.95 -17.91
C GLY B 316 31.07 -25.06 -17.33
N PRO B 317 31.42 -25.53 -16.14
CA PRO B 317 30.66 -26.64 -15.54
C PRO B 317 29.17 -26.40 -15.40
N MET B 318 28.76 -25.16 -15.12
CA MET B 318 27.35 -24.89 -14.90
C MET B 318 26.54 -24.82 -16.19
N SER B 319 27.15 -25.02 -17.36
CA SER B 319 26.36 -25.15 -18.57
C SER B 319 25.52 -26.43 -18.57
N ASP B 320 25.82 -27.40 -17.71
CA ASP B 320 25.01 -28.61 -17.58
C ASP B 320 23.91 -28.37 -16.55
N ILE B 321 22.65 -28.41 -17.01
CA ILE B 321 21.52 -28.17 -16.11
C ILE B 321 21.50 -29.16 -14.96
N ALA B 322 21.98 -30.39 -15.17
CA ALA B 322 22.00 -31.35 -14.06
C ALA B 322 22.90 -30.86 -12.93
N LEU B 323 24.06 -30.29 -13.25
CA LEU B 323 24.94 -29.79 -12.20
C LEU B 323 24.31 -28.59 -11.51
N ARG B 324 23.66 -27.72 -12.27
CA ARG B 324 22.95 -26.59 -11.67
C ARG B 324 21.90 -27.06 -10.66
N LYS B 325 21.04 -28.00 -11.09
CA LYS B 325 19.98 -28.48 -10.21
C LYS B 325 20.55 -29.17 -8.99
N ALA B 326 21.63 -29.93 -9.16
CA ALA B 326 22.24 -30.58 -8.00
C ALA B 326 22.77 -29.56 -7.00
N VAL B 327 23.44 -28.52 -7.49
CA VAL B 327 23.98 -27.49 -6.60
C VAL B 327 22.85 -26.80 -5.86
N LEU B 328 21.78 -26.45 -6.58
CA LEU B 328 20.71 -25.72 -5.91
C LEU B 328 19.98 -26.60 -4.89
N THR B 329 19.89 -27.90 -5.17
CA THR B 329 19.21 -28.82 -4.27
C THR B 329 20.03 -29.02 -2.99
N ALA B 330 21.37 -29.00 -3.12
CA ALA B 330 22.24 -29.20 -1.96
C ALA B 330 22.30 -27.96 -1.06
N ILE B 331 22.12 -26.77 -1.62
CA ILE B 331 22.12 -25.56 -0.81
C ILE B 331 20.98 -25.63 0.19
N ASP B 332 21.29 -25.25 1.44
CA ASP B 332 20.33 -25.23 2.54
C ASP B 332 19.93 -23.78 2.80
N ALA B 333 18.79 -23.36 2.24
CA ALA B 333 18.36 -21.98 2.33
C ALA B 333 17.91 -21.64 3.74
N GLY B 334 17.32 -22.60 4.45
CA GLY B 334 17.00 -22.38 5.84
C GLY B 334 18.22 -22.04 6.67
N ASP B 335 19.33 -22.75 6.42
CA ASP B 335 20.57 -22.46 7.14
C ASP B 335 21.17 -21.14 6.69
N LEU B 336 21.12 -20.87 5.38
CA LEU B 336 21.58 -19.59 4.87
C LEU B 336 20.94 -18.44 5.61
N LYS B 337 19.61 -18.47 5.72
CA LYS B 337 18.89 -17.38 6.38
C LYS B 337 19.09 -17.43 7.89
N ALA B 338 19.15 -18.63 8.47
CA ALA B 338 19.34 -18.75 9.91
C ALA B 338 20.68 -18.19 10.36
N LYS B 339 21.72 -18.34 9.54
CA LYS B 339 23.06 -17.89 9.91
C LYS B 339 23.27 -16.40 9.65
N THR B 340 22.56 -15.81 8.68
CA THR B 340 22.93 -14.47 8.23
C THR B 340 21.86 -13.42 8.41
N ALA B 341 20.59 -13.81 8.60
CA ALA B 341 19.51 -12.86 8.79
C ALA B 341 18.78 -13.07 10.11
N ASP B 342 18.42 -14.32 10.42
CA ASP B 342 17.55 -14.57 11.56
C ASP B 342 18.11 -14.10 12.91
N PRO B 343 19.41 -14.07 13.15
CA PRO B 343 19.88 -13.63 14.47
C PRO B 343 19.48 -12.20 14.82
N TYR B 344 19.21 -11.34 13.84
CA TYR B 344 18.88 -9.96 14.15
C TYR B 344 17.70 -9.41 13.38
N LEU B 345 17.10 -10.19 12.48
CA LEU B 345 15.92 -9.79 11.71
C LEU B 345 14.81 -10.79 12.00
N ARG B 346 13.70 -10.30 12.53
CA ARG B 346 12.58 -11.16 12.93
C ARG B 346 11.67 -11.42 11.74
N ASN B 347 11.24 -12.69 11.61
CA ASN B 347 10.28 -13.08 10.60
C ASN B 347 10.72 -12.63 9.20
N TRP B 348 11.99 -12.83 8.89
CA TRP B 348 12.51 -12.38 7.60
C TRP B 348 12.13 -13.41 6.54
N PRO B 349 11.43 -13.00 5.48
CA PRO B 349 10.92 -13.98 4.52
C PRO B 349 11.98 -14.54 3.58
N HIS B 350 11.88 -15.84 3.33
CA HIS B 350 12.52 -16.41 2.16
C HIS B 350 11.93 -15.80 0.90
N MET B 351 12.73 -15.74 -0.15
CA MET B 351 12.23 -15.40 -1.48
C MET B 351 12.46 -16.61 -2.38
N GLY B 352 11.37 -17.24 -2.79
CA GLY B 352 11.40 -18.45 -3.59
C GLY B 352 10.95 -18.23 -5.03
N SER B 353 10.98 -16.99 -5.48
CA SER B 353 10.61 -16.60 -6.84
C SER B 353 11.72 -15.74 -7.42
N VAL B 354 11.87 -15.75 -8.74
CA VAL B 354 12.82 -14.84 -9.39
C VAL B 354 12.11 -13.72 -10.13
N MET B 355 10.81 -13.59 -9.96
CA MET B 355 10.06 -12.52 -10.60
C MET B 355 9.17 -11.73 -9.68
N PHE B 356 8.89 -12.21 -8.48
CA PHE B 356 8.03 -11.56 -7.52
C PHE B 356 8.68 -11.54 -6.14
N LEU B 357 8.63 -10.38 -5.48
CA LEU B 357 8.93 -10.33 -4.05
C LEU B 357 7.84 -11.04 -3.27
N PRO B 358 8.14 -11.46 -2.03
CA PRO B 358 7.12 -12.20 -1.25
C PRO B 358 5.81 -11.45 -1.05
N ASN B 359 5.81 -10.11 -1.12
CA ASN B 359 4.57 -9.36 -0.93
C ASN B 359 3.87 -8.99 -2.22
N GLN B 360 4.39 -9.40 -3.37
CA GLN B 360 3.78 -9.05 -4.64
C GLN B 360 2.82 -10.11 -5.12
N ALA B 361 1.75 -9.67 -5.77
CA ALA B 361 0.81 -10.59 -6.42
C ALA B 361 1.56 -11.54 -7.33
N GLY B 362 1.20 -12.82 -7.25
CA GLY B 362 1.81 -13.84 -8.05
C GLY B 362 2.93 -14.59 -7.38
N TYR B 363 3.42 -14.09 -6.24
CA TYR B 363 4.48 -14.76 -5.52
C TYR B 363 4.08 -16.17 -5.10
N ALA B 364 5.01 -17.10 -5.27
CA ALA B 364 4.93 -18.43 -4.66
C ALA B 364 6.35 -18.96 -4.52
N ASP B 365 6.52 -19.96 -3.65
CA ASP B 365 7.84 -20.55 -3.45
C ASP B 365 8.08 -21.63 -4.51
N ARG B 366 8.39 -21.15 -5.72
CA ARG B 366 8.70 -22.03 -6.85
C ARG B 366 10.07 -22.66 -6.70
N ARG B 367 10.96 -22.02 -5.92
CA ARG B 367 12.26 -22.59 -5.57
C ARG B 367 12.11 -23.90 -4.80
N GLY B 368 11.40 -23.86 -3.66
CA GLY B 368 11.23 -25.05 -2.86
C GLY B 368 10.39 -26.11 -3.52
N ALA B 369 9.45 -25.68 -4.37
CA ALA B 369 8.62 -26.65 -5.07
C ALA B 369 9.46 -27.59 -5.91
N ARG B 370 10.65 -27.15 -6.32
CA ARG B 370 11.55 -27.94 -7.14
C ARG B 370 12.63 -28.63 -6.35
N GLY B 371 12.61 -28.51 -5.03
CA GLY B 371 13.68 -29.09 -4.23
C GLY B 371 14.88 -28.19 -4.05
N TYR B 372 14.89 -27.03 -4.70
CA TYR B 372 16.03 -26.14 -4.53
C TYR B 372 16.01 -25.57 -3.11
N GLY B 373 17.19 -25.45 -2.52
CA GLY B 373 17.32 -24.86 -1.21
C GLY B 373 16.91 -25.73 -0.07
N THR B 374 16.66 -27.01 -0.32
CA THR B 374 16.20 -27.92 0.73
C THR B 374 17.35 -28.63 1.44
N GLY B 375 18.59 -28.35 1.06
CA GLY B 375 19.74 -28.93 1.73
C GLY B 375 19.78 -30.45 1.64
N ASP B 376 19.32 -31.00 0.52
CA ASP B 376 19.10 -32.43 0.36
C ASP B 376 20.25 -33.00 -0.44
N VAL B 377 21.33 -33.39 0.26
CA VAL B 377 22.54 -33.86 -0.40
C VAL B 377 22.27 -35.17 -1.13
N GLU B 378 21.47 -36.06 -0.54
CA GLU B 378 21.24 -37.35 -1.19
C GLU B 378 20.46 -37.17 -2.49
N LYS B 379 19.47 -36.28 -2.50
CA LYS B 379 18.76 -35.97 -3.73
C LYS B 379 19.71 -35.39 -4.77
N ALA B 380 20.55 -34.44 -4.34
CA ALA B 380 21.48 -33.81 -5.26
C ALA B 380 22.44 -34.83 -5.86
N LYS B 381 22.93 -35.76 -5.03
CA LYS B 381 23.77 -36.83 -5.54
C LYS B 381 23.02 -37.69 -6.55
N GLY B 382 21.73 -37.94 -6.30
CA GLY B 382 20.93 -38.68 -7.26
C GLY B 382 20.83 -37.96 -8.60
N ILE B 383 20.63 -36.63 -8.56
CA ILE B 383 20.56 -35.86 -9.80
C ILE B 383 21.84 -36.03 -10.60
N LEU B 384 22.99 -35.93 -9.93
CA LEU B 384 24.28 -36.07 -10.59
C LEU B 384 24.46 -37.49 -11.11
N SER B 385 24.10 -38.49 -10.31
CA SER B 385 24.26 -39.86 -10.75
C SER B 385 23.41 -40.14 -11.99
N GLU B 386 22.17 -39.63 -11.99
CA GLU B 386 21.29 -39.84 -13.12
C GLU B 386 21.83 -39.21 -14.40
N ALA B 387 22.65 -38.17 -14.28
CA ALA B 387 23.21 -37.53 -15.45
C ALA B 387 24.54 -38.12 -15.88
N GLY B 388 25.07 -39.11 -15.14
CA GLY B 388 26.32 -39.75 -15.50
C GLY B 388 27.54 -39.29 -14.74
N TYR B 389 27.40 -38.36 -13.80
CA TYR B 389 28.54 -37.96 -12.99
C TYR B 389 28.91 -39.07 -12.02
N LYS B 390 30.17 -39.07 -11.59
CA LYS B 390 30.66 -40.04 -10.62
C LYS B 390 31.53 -39.35 -9.59
N LEU B 391 31.46 -39.82 -8.35
CA LEU B 391 32.39 -39.39 -7.31
C LEU B 391 33.59 -40.33 -7.26
N SER B 392 34.79 -39.77 -7.24
CA SER B 392 36.01 -40.57 -7.24
C SER B 392 37.07 -39.90 -6.38
N GLY B 393 37.47 -40.56 -5.30
CA GLY B 393 38.47 -39.98 -4.43
C GLY B 393 38.06 -38.64 -3.86
N GLY B 394 36.77 -38.49 -3.57
CA GLY B 394 36.24 -37.26 -3.04
C GLY B 394 36.08 -36.14 -4.04
N SER B 395 36.35 -36.39 -5.32
CA SER B 395 36.23 -35.39 -6.38
C SER B 395 35.16 -35.80 -7.36
N LEU B 396 34.34 -34.84 -7.79
CA LEU B 396 33.28 -35.14 -8.74
C LEU B 396 33.86 -35.21 -10.15
N LEU B 397 33.53 -36.29 -10.86
CA LEU B 397 33.93 -36.47 -12.25
C LEU B 397 32.74 -36.20 -13.16
N ASP B 398 32.98 -35.50 -14.26
CA ASP B 398 31.93 -35.32 -15.26
C ASP B 398 31.72 -36.64 -15.99
N PRO B 399 30.66 -36.74 -16.78
CA PRO B 399 30.37 -38.03 -17.43
C PRO B 399 31.51 -38.54 -18.28
N SER B 400 32.31 -37.65 -18.87
CA SER B 400 33.44 -38.11 -19.67
C SER B 400 34.53 -38.74 -18.83
N GLY B 401 34.50 -38.53 -17.51
CA GLY B 401 35.49 -39.04 -16.61
C GLY B 401 36.49 -38.01 -16.12
N LYS B 402 36.44 -36.79 -16.66
CA LYS B 402 37.36 -35.73 -16.25
C LYS B 402 36.85 -35.06 -14.98
N PRO B 403 37.73 -34.75 -14.03
CA PRO B 403 37.25 -34.05 -12.82
C PRO B 403 36.58 -32.74 -13.18
N VAL B 404 35.46 -32.46 -12.50
CA VAL B 404 34.81 -31.16 -12.67
C VAL B 404 35.78 -30.10 -12.15
N SER B 405 35.91 -29.01 -12.90
CA SER B 405 36.84 -27.96 -12.52
C SER B 405 36.44 -27.33 -11.18
N THR B 406 37.41 -26.71 -10.53
CA THR B 406 37.12 -25.90 -9.37
C THR B 406 36.21 -24.75 -9.77
N LEU B 407 35.15 -24.54 -8.98
CA LEU B 407 34.14 -23.56 -9.32
C LEU B 407 34.55 -22.17 -8.80
N ARG B 408 34.39 -21.18 -9.64
CA ARG B 408 34.69 -19.80 -9.29
C ARG B 408 33.38 -19.14 -8.85
N LEU B 409 33.32 -18.74 -7.57
CA LEU B 409 32.15 -18.10 -6.96
C LEU B 409 32.55 -16.69 -6.54
N SER B 410 32.02 -15.70 -7.24
CA SER B 410 32.35 -14.31 -6.96
C SER B 410 31.14 -13.57 -6.38
N PHE B 411 31.45 -12.43 -5.76
CA PHE B 411 30.44 -11.59 -5.13
C PHE B 411 31.04 -10.20 -4.94
N PRO B 412 30.21 -9.16 -4.98
CA PRO B 412 30.72 -7.78 -4.91
C PRO B 412 31.14 -7.42 -3.50
N PRO B 413 32.01 -6.44 -3.36
CA PRO B 413 32.39 -5.95 -2.02
C PRO B 413 31.28 -5.10 -1.40
N GLY B 414 31.39 -4.94 -0.09
CA GLY B 414 30.50 -4.07 0.64
C GLY B 414 29.22 -4.69 1.13
N TYR B 415 29.08 -6.01 1.03
CA TYR B 415 27.87 -6.73 1.45
C TYR B 415 28.31 -7.93 2.28
N PRO B 416 28.50 -7.73 3.59
CA PRO B 416 28.99 -8.84 4.41
C PRO B 416 28.14 -10.10 4.36
N ALA B 417 26.82 -9.97 4.25
CA ALA B 417 25.98 -11.16 4.19
C ALA B 417 26.29 -11.99 2.95
N ALA B 418 26.60 -11.32 1.83
CA ALA B 418 26.96 -12.06 0.62
C ALA B 418 28.25 -12.84 0.81
N ASN B 419 29.21 -12.23 1.49
CA ASN B 419 30.45 -12.93 1.82
C ASN B 419 30.16 -14.17 2.68
N ASP B 420 29.37 -13.99 3.73
CA ASP B 420 29.05 -15.12 4.59
C ASP B 420 28.29 -16.20 3.85
N MET B 421 27.33 -15.81 2.99
CA MET B 421 26.56 -16.83 2.28
C MET B 421 27.41 -17.57 1.27
N ALA B 422 28.35 -16.87 0.61
CA ALA B 422 29.25 -17.55 -0.31
C ALA B 422 30.03 -18.64 0.40
N ARG B 423 30.54 -18.35 1.61
CA ARG B 423 31.27 -19.36 2.36
C ARG B 423 30.35 -20.53 2.73
N LEU B 424 29.13 -20.24 3.15
CA LEU B 424 28.22 -21.32 3.53
C LEU B 424 27.90 -22.20 2.33
N ILE B 425 27.70 -21.59 1.16
CA ILE B 425 27.36 -22.37 -0.04
C ILE B 425 28.50 -23.29 -0.41
N THR B 426 29.74 -22.83 -0.26
CA THR B 426 30.89 -23.72 -0.48
C THR B 426 30.80 -24.97 0.38
N GLY B 427 30.41 -24.81 1.64
CA GLY B 427 30.26 -25.96 2.51
C GLY B 427 29.11 -26.86 2.12
N TYR B 428 28.01 -26.29 1.65
CA TYR B 428 26.87 -27.11 1.30
C TYR B 428 27.17 -28.05 0.13
N ILE B 429 28.00 -27.62 -0.81
CA ILE B 429 28.21 -28.39 -2.04
C ILE B 429 29.50 -29.20 -2.00
N ALA B 430 30.36 -28.99 -0.99
CA ALA B 430 31.54 -29.84 -0.87
C ALA B 430 31.22 -31.32 -0.79
N PRO B 431 30.13 -31.76 -0.15
CA PRO B 431 29.85 -33.21 -0.15
C PRO B 431 29.52 -33.77 -1.52
N LEU B 432 29.23 -32.92 -2.51
CA LEU B 432 29.04 -33.38 -3.87
C LEU B 432 30.36 -33.65 -4.59
N GLY B 433 31.49 -33.37 -3.92
CA GLY B 433 32.78 -33.49 -4.58
C GLY B 433 33.21 -32.27 -5.35
N LEU B 434 32.61 -31.11 -5.05
CA LEU B 434 32.90 -29.85 -5.70
C LEU B 434 33.76 -28.96 -4.81
N LYS B 435 34.73 -28.30 -5.43
CA LYS B 435 35.54 -27.29 -4.75
C LYS B 435 35.25 -25.92 -5.35
N THR B 436 35.35 -24.89 -4.51
CA THR B 436 35.04 -23.55 -4.95
C THR B 436 36.17 -22.61 -4.54
N ASP B 437 36.46 -21.65 -5.40
CA ASP B 437 37.30 -20.52 -5.09
C ASP B 437 36.41 -19.30 -4.89
N LEU B 438 36.51 -18.66 -3.74
CA LEU B 438 35.75 -17.45 -3.45
C LEU B 438 36.54 -16.24 -3.94
N LEU B 439 35.88 -15.40 -4.75
CA LEU B 439 36.52 -14.27 -5.41
C LEU B 439 35.73 -12.99 -5.17
N THR B 440 36.44 -11.91 -4.87
CA THR B 440 35.77 -10.63 -4.69
C THR B 440 36.76 -9.52 -5.02
N GLY B 441 36.38 -8.30 -4.70
CA GLY B 441 37.21 -7.15 -4.97
C GLY B 441 36.41 -6.10 -5.72
N PRO B 442 37.02 -4.94 -5.99
CA PRO B 442 36.28 -3.86 -6.64
C PRO B 442 35.76 -4.21 -8.03
N ASN B 443 36.35 -5.20 -8.71
CA ASN B 443 35.89 -5.60 -10.02
C ASN B 443 35.06 -6.88 -9.99
N ALA B 444 34.55 -7.27 -8.82
CA ALA B 444 33.68 -8.44 -8.70
C ALA B 444 32.21 -8.08 -8.84
N THR B 445 31.91 -6.96 -9.47
CA THR B 445 30.54 -6.52 -9.66
C THR B 445 29.95 -7.15 -10.92
N ALA B 446 28.63 -7.10 -11.03
CA ALA B 446 27.97 -7.79 -12.13
C ALA B 446 28.44 -7.28 -13.48
N ASP B 447 28.89 -6.02 -13.56
CA ASP B 447 29.32 -5.45 -14.82
C ASP B 447 30.55 -6.14 -15.39
N TYR B 448 31.36 -6.78 -14.55
CA TYR B 448 32.57 -7.42 -15.02
C TYR B 448 32.37 -8.88 -15.39
N LEU B 449 31.15 -9.42 -15.23
CA LEU B 449 30.90 -10.81 -15.60
C LEU B 449 31.08 -10.97 -17.11
N LEU B 450 31.71 -12.07 -17.50
CA LEU B 450 31.83 -12.53 -18.88
C LEU B 450 31.44 -14.02 -18.92
N SER B 451 31.02 -14.48 -20.10
CA SER B 451 30.64 -15.88 -20.21
C SER B 451 31.77 -16.80 -19.79
N GLY B 452 33.01 -16.35 -19.94
CA GLY B 452 34.16 -17.18 -19.62
C GLY B 452 34.87 -16.95 -18.32
N ASN B 453 34.37 -16.09 -17.42
CA ASN B 453 35.16 -15.75 -16.24
C ASN B 453 34.47 -15.97 -14.90
N PHE B 454 33.38 -16.74 -14.84
CA PHE B 454 32.74 -17.06 -13.58
C PHE B 454 31.91 -18.33 -13.75
N ASP B 455 31.63 -19.00 -12.64
CA ASP B 455 30.70 -20.12 -12.61
C ASP B 455 29.46 -19.82 -11.80
N LEU B 456 29.65 -19.18 -10.64
CA LEU B 456 28.59 -18.80 -9.71
C LEU B 456 28.83 -17.36 -9.29
N HIS B 457 27.74 -16.61 -9.07
CA HIS B 457 27.87 -15.21 -8.70
C HIS B 457 26.75 -14.86 -7.72
N LEU B 458 27.12 -14.34 -6.55
CA LEU B 458 26.16 -13.93 -5.55
C LEU B 458 26.07 -12.40 -5.55
N ASN B 459 24.87 -11.87 -5.78
CA ASN B 459 24.69 -10.42 -5.91
C ASN B 459 23.21 -10.14 -5.62
N TYR B 460 22.72 -8.96 -6.02
CA TYR B 460 21.31 -8.66 -5.82
C TYR B 460 20.73 -8.00 -7.06
N PHE B 461 19.43 -8.21 -7.26
CA PHE B 461 18.63 -7.48 -8.24
C PHE B 461 17.70 -6.51 -7.51
N SER B 462 17.33 -5.42 -8.19
CA SER B 462 16.41 -4.42 -7.66
C SER B 462 15.04 -4.61 -8.33
N GLN B 463 14.04 -5.03 -7.56
CA GLN B 463 12.70 -5.22 -8.13
C GLN B 463 12.00 -3.89 -8.37
N GLN B 464 11.14 -3.88 -9.39
CA GLN B 464 10.33 -2.74 -9.77
C GLN B 464 8.88 -2.97 -9.39
N VAL B 465 8.11 -1.88 -9.47
CA VAL B 465 6.69 -1.95 -9.17
C VAL B 465 5.97 -2.88 -10.13
N PHE B 466 6.43 -2.97 -11.38
CA PHE B 466 5.83 -3.85 -12.39
C PHE B 466 6.76 -5.02 -12.66
N PRO B 467 6.50 -6.19 -12.06
CA PRO B 467 7.40 -7.34 -12.30
C PRO B 467 7.62 -7.67 -13.75
N ALA B 468 6.62 -7.48 -14.60
CA ALA B 468 6.78 -7.83 -16.00
C ALA B 468 7.79 -6.92 -16.70
N VAL B 469 7.87 -5.66 -16.27
CA VAL B 469 8.83 -4.73 -16.88
C VAL B 469 10.25 -5.11 -16.47
N LYS B 470 10.46 -5.37 -15.19
CA LYS B 470 11.78 -5.81 -14.73
C LYS B 470 12.20 -7.11 -15.38
N ALA B 471 11.27 -8.08 -15.52
CA ALA B 471 11.61 -9.37 -16.09
C ALA B 471 12.14 -9.21 -17.51
N GLY B 472 11.62 -8.22 -18.24
CA GLY B 472 12.09 -7.93 -19.58
C GLY B 472 13.54 -7.51 -19.64
N GLN B 473 14.11 -7.06 -18.53
CA GLN B 473 15.51 -6.70 -18.46
C GLN B 473 16.42 -7.85 -18.06
N ILE B 474 15.88 -8.96 -17.56
CA ILE B 474 16.67 -10.01 -16.94
C ILE B 474 16.66 -11.30 -17.75
N PHE B 475 15.51 -11.66 -18.33
CA PHE B 475 15.31 -13.00 -18.83
C PHE B 475 15.28 -13.10 -20.35
N LEU B 476 15.43 -11.99 -21.06
CA LEU B 476 15.43 -12.00 -22.53
C LEU B 476 16.84 -12.20 -23.07
N ARG B 477 16.91 -12.87 -24.22
N ARG B 477 16.94 -12.85 -24.23
CA ARG B 477 18.15 -12.94 -24.96
CA ARG B 477 18.21 -13.42 -24.66
C ARG B 477 18.70 -11.55 -25.22
C ARG B 477 19.36 -12.41 -24.64
N ASP B 478 20.02 -11.41 -25.07
N ASP B 478 19.19 -11.25 -25.29
CA ASP B 478 20.75 -10.21 -25.45
CA ASP B 478 20.29 -10.32 -25.54
C ASP B 478 20.33 -8.98 -24.65
C ASP B 478 20.18 -9.04 -24.72
N THR B 479 19.68 -9.16 -23.51
CA THR B 479 19.48 -8.02 -22.62
C THR B 479 20.63 -7.88 -21.63
N ARG B 480 20.83 -6.64 -21.15
CA ARG B 480 22.05 -6.31 -20.43
C ARG B 480 22.20 -7.12 -19.15
N GLN B 481 21.10 -7.37 -18.45
CA GLN B 481 21.16 -8.06 -17.16
C GLN B 481 20.85 -9.55 -17.24
N ASN B 482 20.85 -10.13 -18.45
CA ASN B 482 20.77 -11.58 -18.57
C ASN B 482 22.18 -12.19 -18.46
N TYR B 483 22.71 -12.16 -17.24
CA TYR B 483 24.08 -12.60 -17.03
C TYR B 483 24.20 -14.11 -17.06
N PHE B 484 23.12 -14.83 -16.81
CA PHE B 484 23.21 -16.26 -16.54
C PHE B 484 22.65 -17.11 -17.65
N GLY B 485 22.24 -16.50 -18.76
CA GLY B 485 22.04 -17.22 -19.99
C GLY B 485 20.67 -17.79 -20.22
N PHE B 486 19.62 -17.15 -19.71
CA PHE B 486 18.28 -17.55 -20.10
C PHE B 486 18.14 -17.38 -21.61
N ASN B 487 17.49 -18.35 -22.25
CA ASN B 487 17.34 -18.34 -23.69
C ASN B 487 16.15 -19.20 -24.06
N ASP B 488 14.96 -18.64 -23.96
CA ASP B 488 13.75 -19.43 -24.12
C ASP B 488 12.70 -18.54 -24.74
N PRO B 489 12.39 -18.75 -26.03
CA PRO B 489 11.35 -17.93 -26.66
C PRO B 489 10.02 -17.96 -25.93
N LYS B 490 9.67 -19.08 -25.29
CA LYS B 490 8.40 -19.13 -24.56
C LYS B 490 8.40 -18.19 -23.36
N ILE B 491 9.50 -18.13 -22.61
CA ILE B 491 9.58 -17.18 -21.51
C ILE B 491 9.43 -15.76 -22.03
N GLU B 492 10.08 -15.45 -23.16
CA GLU B 492 9.99 -14.09 -23.70
C GLU B 492 8.57 -13.77 -24.13
N GLU B 493 7.87 -14.75 -24.70
CA GLU B 493 6.49 -14.54 -25.11
C GLU B 493 5.59 -14.26 -23.91
N ILE B 494 5.76 -15.03 -22.84
CA ILE B 494 4.95 -14.85 -21.64
C ILE B 494 5.22 -13.48 -21.03
N ILE B 495 6.49 -13.09 -20.95
CA ILE B 495 6.82 -11.78 -20.41
C ILE B 495 6.18 -10.68 -21.25
N GLY B 496 6.21 -10.83 -22.57
CA GLY B 496 5.56 -9.84 -23.42
C GLY B 496 4.06 -9.76 -23.19
N LYS B 497 3.41 -10.91 -23.05
CA LYS B 497 1.97 -10.88 -22.77
C LYS B 497 1.71 -10.25 -21.41
N ALA B 498 2.55 -10.56 -20.41
CA ALA B 498 2.34 -9.98 -19.08
C ALA B 498 2.55 -8.46 -19.09
N ALA B 499 3.49 -7.97 -19.90
CA ALA B 499 3.74 -6.53 -19.96
C ALA B 499 2.66 -5.77 -20.71
N ALA B 500 1.77 -6.47 -21.40
CA ALA B 500 0.66 -5.89 -22.14
C ALA B 500 -0.66 -5.97 -21.38
N ALA B 501 -0.66 -6.54 -20.19
CA ALA B 501 -1.90 -6.73 -19.44
C ALA B 501 -2.44 -5.40 -18.94
N SER B 502 -3.71 -5.40 -18.54
CA SER B 502 -4.41 -4.19 -18.09
C SER B 502 -4.37 -3.97 -16.58
N SER B 503 -3.82 -4.91 -15.81
CA SER B 503 -3.71 -4.73 -14.37
C SER B 503 -2.47 -5.48 -13.89
N ILE B 504 -1.92 -5.04 -12.75
CA ILE B 504 -0.79 -5.75 -12.16
C ILE B 504 -1.21 -7.16 -11.79
N GLU B 505 -2.48 -7.36 -11.39
CA GLU B 505 -2.95 -8.69 -11.00
C GLU B 505 -3.01 -9.65 -12.19
N GLU B 506 -3.62 -9.23 -13.30
CA GLU B 506 -3.59 -10.03 -14.52
C GLU B 506 -2.16 -10.28 -14.98
N SER B 507 -1.32 -9.24 -14.93
CA SER B 507 0.07 -9.39 -15.35
C SER B 507 0.75 -10.49 -14.53
N ALA B 508 0.49 -10.51 -13.22
CA ALA B 508 1.13 -11.51 -12.36
C ALA B 508 0.64 -12.90 -12.67
N ALA B 509 -0.66 -13.05 -12.95
CA ALA B 509 -1.20 -14.34 -13.31
C ALA B 509 -0.49 -14.88 -14.55
N ILE B 510 -0.26 -14.02 -15.53
CA ILE B 510 0.40 -14.45 -16.77
C ILE B 510 1.86 -14.75 -16.49
N LEU B 511 2.54 -13.83 -15.81
CA LEU B 511 3.98 -13.92 -15.63
C LEU B 511 4.36 -15.10 -14.75
N SER B 512 3.45 -15.58 -13.90
CA SER B 512 3.73 -16.74 -13.05
C SER B 512 4.25 -17.92 -13.86
N GLU B 513 3.74 -18.09 -15.09
CA GLU B 513 4.19 -19.20 -15.93
C GLU B 513 5.66 -19.03 -16.32
N ALA B 514 6.08 -17.80 -16.58
CA ALA B 514 7.49 -17.57 -16.88
C ALA B 514 8.37 -17.82 -15.66
N ASP B 515 7.88 -17.47 -14.46
CA ASP B 515 8.64 -17.75 -13.23
C ASP B 515 8.85 -19.25 -13.07
N GLU B 516 7.82 -20.05 -13.40
CA GLU B 516 7.97 -21.49 -13.32
C GLU B 516 9.05 -21.98 -14.27
N LEU B 517 9.00 -21.54 -15.53
CA LEU B 517 9.98 -21.99 -16.51
C LEU B 517 11.38 -21.50 -16.18
N ALA B 518 11.49 -20.28 -15.66
CA ALA B 518 12.80 -19.77 -15.27
C ALA B 518 13.41 -20.59 -14.13
N MET B 519 12.57 -20.99 -13.16
CA MET B 519 13.08 -21.84 -12.09
C MET B 519 13.42 -23.24 -12.59
N ASP B 520 12.65 -23.75 -13.57
CA ASP B 520 12.99 -25.02 -14.18
C ASP B 520 14.44 -25.02 -14.72
N TYR B 521 14.87 -23.89 -15.30
CA TYR B 521 16.17 -23.78 -15.95
C TYR B 521 17.32 -23.69 -14.95
N ALA B 522 17.06 -23.24 -13.72
CA ALA B 522 18.01 -23.33 -12.61
C ALA B 522 19.29 -22.53 -12.87
N ALA B 523 19.15 -21.37 -13.48
CA ALA B 523 20.29 -20.47 -13.66
C ALA B 523 20.26 -19.29 -12.70
N LEU B 524 19.20 -19.18 -11.89
CA LEU B 524 19.03 -18.07 -10.96
C LEU B 524 18.31 -18.57 -9.72
N PHE B 525 18.98 -18.46 -8.58
CA PHE B 525 18.52 -18.97 -7.29
C PHE B 525 18.23 -17.80 -6.37
N PRO B 526 16.98 -17.50 -6.09
CA PRO B 526 16.66 -16.39 -5.18
C PRO B 526 16.89 -16.79 -3.73
N ILE B 527 17.28 -15.80 -2.93
CA ILE B 527 17.67 -16.05 -1.54
C ILE B 527 16.73 -15.29 -0.61
N TYR B 528 16.96 -14.00 -0.39
CA TYR B 528 16.05 -13.19 0.40
C TYR B 528 16.36 -11.71 0.20
N GLN B 529 15.45 -10.87 0.68
CA GLN B 529 15.57 -9.43 0.50
C GLN B 529 16.62 -8.82 1.42
N LEU B 530 17.35 -7.84 0.89
CA LEU B 530 18.28 -7.08 1.71
C LEU B 530 17.51 -6.22 2.69
N PRO B 531 18.00 -6.07 3.92
CA PRO B 531 17.44 -5.04 4.81
C PRO B 531 17.96 -3.66 4.48
N THR B 532 17.06 -2.68 4.56
CA THR B 532 17.49 -1.30 4.53
C THR B 532 17.95 -0.87 5.92
N ALA B 533 18.60 0.29 5.96
CA ALA B 533 18.96 0.87 7.26
C ALA B 533 19.06 2.38 7.08
N LEU B 534 18.09 3.10 7.62
CA LEU B 534 18.07 4.56 7.63
C LEU B 534 18.35 4.96 9.07
N ILE B 535 19.49 5.60 9.30
CA ILE B 535 19.96 5.92 10.65
C ILE B 535 20.17 7.44 10.68
N TYR B 536 19.58 8.12 11.66
CA TYR B 536 19.44 9.56 11.54
C TYR B 536 19.19 10.24 12.88
N LYS B 537 19.43 11.56 12.90
CA LYS B 537 19.08 12.37 14.07
C LYS B 537 17.57 12.57 14.11
N GLU B 538 16.96 12.22 15.26
CA GLU B 538 15.51 12.20 15.37
C GLU B 538 14.88 13.59 15.30
N ALA B 539 15.69 14.65 15.37
CA ALA B 539 15.15 15.99 15.13
C ALA B 539 14.59 16.17 13.72
N ILE B 540 14.98 15.32 12.77
CA ILE B 540 14.51 15.46 11.39
C ILE B 540 13.14 14.80 11.27
N LEU B 541 12.16 15.57 10.81
CA LEU B 541 10.79 15.11 10.62
C LEU B 541 10.48 14.84 9.15
N ASN B 542 9.55 13.89 8.94
CA ASN B 542 9.07 13.45 7.63
C ASN B 542 10.13 12.72 6.81
N LEU B 543 11.19 12.29 7.47
CA LEU B 543 12.25 11.46 6.89
C LEU B 543 11.90 10.02 7.23
N ARG B 544 11.66 9.22 6.21
CA ARG B 544 11.30 7.84 6.42
C ARG B 544 11.89 6.97 5.33
N ASP B 545 12.01 5.70 5.68
CA ASP B 545 12.46 4.73 4.70
C ASP B 545 11.45 4.64 3.57
N ASN B 546 11.97 4.46 2.38
CA ASN B 546 11.18 4.26 1.16
C ASN B 546 11.93 3.10 0.51
N PRO B 547 11.62 1.84 0.90
CA PRO B 547 12.58 0.72 0.72
C PRO B 547 12.54 0.14 -0.69
N ASN B 548 12.84 1.00 -1.65
CA ASN B 548 12.79 0.68 -3.07
C ASN B 548 13.83 1.55 -3.76
N GLN B 549 13.91 1.46 -5.08
CA GLN B 549 14.97 2.15 -5.80
C GLN B 549 14.88 3.66 -5.67
N LEU B 550 13.67 4.21 -5.44
CA LEU B 550 13.58 5.67 -5.36
C LEU B 550 14.16 6.18 -4.06
N GLY B 551 13.86 5.50 -2.95
CA GLY B 551 14.55 5.77 -1.71
C GLY B 551 14.03 6.93 -0.88
N PRO B 552 14.72 7.18 0.23
CA PRO B 552 14.20 8.16 1.21
C PRO B 552 14.06 9.57 0.70
N ALA B 553 14.78 9.95 -0.35
CA ALA B 553 14.68 11.32 -0.86
C ALA B 553 13.47 11.53 -1.75
N TYR B 554 12.49 10.61 -1.72
CA TYR B 554 11.28 10.77 -2.53
C TYR B 554 10.45 11.97 -2.11
N ASN B 555 10.65 12.49 -0.90
CA ASN B 555 9.77 13.54 -0.39
C ASN B 555 10.56 14.66 0.32
N THR B 556 11.68 15.10 -0.27
CA THR B 556 12.47 16.11 0.44
C THR B 556 11.73 17.43 0.65
N ALA B 557 10.71 17.74 -0.15
CA ALA B 557 9.94 18.95 0.11
C ALA B 557 9.40 18.99 1.53
N GLU B 558 9.23 17.83 2.17
CA GLU B 558 8.60 17.73 3.48
C GLU B 558 9.61 17.62 4.62
N TRP B 559 10.89 17.41 4.31
CA TRP B 559 11.91 17.27 5.33
C TRP B 559 12.13 18.57 6.10
N GLY B 560 12.27 18.46 7.42
CA GLY B 560 12.58 19.64 8.19
C GLY B 560 12.93 19.25 9.61
N LEU B 561 13.40 20.25 10.36
CA LEU B 561 13.82 20.05 11.74
C LEU B 561 12.70 20.38 12.70
N ALA B 562 12.59 19.56 13.74
CA ALA B 562 11.60 19.80 14.78
C ALA B 562 11.82 21.17 15.40
N GLU B 563 10.73 21.84 15.73
CA GLU B 563 10.76 23.23 16.17
C GLU B 563 10.74 23.30 17.69
N LEU B 564 11.48 24.28 18.23
CA LEU B 564 11.44 24.57 19.65
C LEU B 564 10.26 25.51 19.97
N GLU B 565 10.06 25.79 21.25
CA GLU B 565 9.00 26.70 21.68
C GLU B 565 9.43 28.15 21.44
N HIS B 566 8.65 28.86 20.62
CA HIS B 566 8.95 30.26 20.31
C HIS B 566 8.82 31.14 21.55
C1 EDO C . -7.49 -13.70 -5.50
O1 EDO C . -7.18 -12.35 -5.80
C2 EDO C . -7.02 -14.00 -4.08
O2 EDO C . -5.67 -13.56 -3.92
H11 EDO C . -8.57 -13.86 -5.57
H12 EDO C . -7.00 -14.38 -6.21
HO1 EDO C . -7.42 -12.16 -6.72
H21 EDO C . -7.07 -15.07 -3.89
H22 EDO C . -7.66 -13.49 -3.36
HO2 EDO C . -5.39 -13.70 -3.01
C1 EDO D . -12.76 -14.63 1.18
O1 EDO D . -12.95 -15.07 2.54
C2 EDO D . -12.26 -15.78 0.29
O2 EDO D . -10.90 -16.17 0.58
H11 EDO D . -13.70 -14.25 0.79
H12 EDO D . -12.03 -13.82 1.17
HO1 EDO D . -13.28 -14.34 3.07
H21 EDO D . -12.93 -16.64 0.43
H22 EDO D . -12.34 -15.46 -0.76
HO2 EDO D . -10.62 -16.84 -0.07
C1 EDO E . -12.50 7.50 -13.98
O1 EDO E . -13.10 8.81 -14.10
C2 EDO E . -12.15 6.99 -15.38
O2 EDO E . -10.84 7.47 -15.78
H11 EDO E . -11.60 7.55 -13.37
H12 EDO E . -13.19 6.82 -13.50
HO1 EDO E . -13.28 9.17 -13.22
H21 EDO E . -12.16 5.90 -15.38
H22 EDO E . -12.90 7.33 -16.09
HO2 EDO E . -10.64 7.13 -16.67
C1 EDO F . -28.57 -2.12 10.23
O1 EDO F . -29.33 -2.40 11.40
C2 EDO F . -27.49 -3.19 10.04
O2 EDO F . -26.94 -3.52 11.31
H11 EDO F . -29.22 -2.09 9.35
H12 EDO F . -28.09 -1.14 10.32
HO1 EDO F . -29.95 -1.68 11.55
H21 EDO F . -27.94 -4.07 9.58
H22 EDO F . -26.71 -2.82 9.38
HO2 EDO F . -25.99 -3.70 11.21
C1 EDO G . -15.43 -0.09 1.83
O1 EDO G . -15.00 0.63 2.98
C2 EDO G . -14.32 -0.04 0.78
O2 EDO G . -14.20 1.27 0.22
H11 EDO G . -15.63 -1.12 2.10
H12 EDO G . -16.33 0.35 1.43
HO1 EDO G . -15.73 0.65 3.63
H21 EDO G . -13.37 -0.34 1.23
H22 EDO G . -14.55 -0.76 -0.02
HO2 EDO G . -13.53 1.26 -0.47
C1 EDO H . -35.40 15.73 24.36
O1 EDO H . -34.07 15.83 24.90
C2 EDO H . -36.35 15.47 25.53
O2 EDO H . -36.05 14.17 26.06
H11 EDO H . -35.68 16.65 23.85
H12 EDO H . -35.46 14.91 23.64
HO1 EDO H . -33.44 15.49 24.25
H21 EDO H . -36.23 16.24 26.30
H22 EDO H . -37.39 15.50 25.19
HO2 EDO H . -36.60 14.01 26.83
C1 EDO I . -9.77 -34.38 10.95
O1 EDO I . -9.86 -35.60 10.19
C2 EDO I . -8.64 -33.55 10.35
O2 EDO I . -8.98 -33.30 8.97
H11 EDO I . -10.71 -33.83 10.92
H12 EDO I . -9.55 -34.60 11.99
HO1 EDO I . -10.68 -36.05 10.43
H21 EDO I . -8.54 -32.60 10.89
H22 EDO I . -7.69 -34.07 10.42
HO2 EDO I . -8.18 -33.04 8.49
C1 EDO J . -7.22 2.20 7.37
O1 EDO J . -6.79 0.84 7.44
C2 EDO J . -6.46 2.84 6.22
O2 EDO J . -5.06 2.51 6.34
H11 EDO J . -8.29 2.26 7.20
H12 EDO J . -6.99 2.72 8.30
HO1 EDO J . -7.25 0.40 8.17
H21 EDO J . -6.84 2.48 5.27
H22 EDO J . -6.59 3.93 6.24
HO2 EDO J . -4.63 2.64 5.48
C1 EDO K . -17.10 -9.05 13.15
O1 EDO K . -15.87 -8.75 12.50
C2 EDO K . -16.81 -9.56 14.56
O2 EDO K . -17.92 -9.25 15.43
H11 EDO K . -17.74 -8.16 13.19
H12 EDO K . -17.65 -9.81 12.59
HO1 EDO K . -16.04 -8.44 11.61
H21 EDO K . -15.90 -9.08 14.94
H22 EDO K . -16.65 -10.63 14.54
HO2 EDO K . -17.72 -9.56 16.32
C1 EDO L . -12.26 -2.27 13.97
O1 EDO L . -12.82 -3.36 14.70
C2 EDO L . -12.12 -1.05 14.89
O2 EDO L . -13.40 -0.72 15.42
H11 EDO L . -12.90 -2.02 13.12
H12 EDO L . -11.28 -2.54 13.57
HO1 EDO L . -12.94 -4.11 14.10
H21 EDO L . -11.42 -1.28 15.69
H22 EDO L . -11.72 -0.20 14.32
HO2 EDO L . -13.32 0.02 16.04
S SO4 M . -25.92 -0.47 15.73
O1 SO4 M . -26.68 0.76 15.53
O2 SO4 M . -24.70 -0.42 14.94
O3 SO4 M . -26.73 -1.62 15.34
O4 SO4 M . -25.57 -0.60 17.14
S SO4 N . -25.74 6.45 -2.81
O1 SO4 N . -25.78 7.43 -1.73
O2 SO4 N . -25.93 7.11 -4.11
O3 SO4 N . -24.44 5.74 -2.74
O4 SO4 N . -26.92 5.57 -2.64
C1 EDO O . -3.63 16.20 -3.20
O1 EDO O . -3.24 16.77 -1.95
C2 EDO O . -3.14 14.76 -3.30
O2 EDO O . -1.70 14.71 -3.31
H11 EDO O . -3.21 16.79 -4.02
H12 EDO O . -4.72 16.22 -3.28
HO1 EDO O . -3.59 17.66 -1.87
H21 EDO O . -3.52 14.18 -2.45
H22 EDO O . -3.54 14.29 -4.21
HO2 EDO O . -1.41 14.01 -3.91
C1 EDO P . 2.79 15.37 -4.63
O1 EDO P . 2.16 14.16 -5.04
C2 EDO P . 3.70 15.08 -3.44
O2 EDO P . 2.89 14.66 -2.34
H11 EDO P . 3.38 15.77 -5.46
H12 EDO P . 2.04 16.11 -4.35
HO1 EDO P . 1.25 14.33 -5.32
H21 EDO P . 4.42 14.30 -3.69
H22 EDO P . 4.26 15.97 -3.17
HO2 EDO P . 3.45 14.50 -1.57
C1 EDO Q . 10.63 16.32 -3.86
O1 EDO Q . 9.93 16.34 -2.60
C2 EDO Q . 11.42 15.02 -4.01
O2 EDO Q . 12.55 15.02 -3.14
H11 EDO Q . 9.93 16.42 -4.68
H12 EDO Q . 11.32 17.18 -3.90
HO1 EDO Q . 9.33 17.11 -2.58
H21 EDO Q . 11.75 14.93 -5.04
H22 EDO Q . 10.77 14.17 -3.77
HO2 EDO Q . 13.08 14.22 -3.30
C1 EDO R . -3.93 -0.58 -20.47
O1 EDO R . -5.13 -1.16 -19.92
C2 EDO R . -2.76 -1.55 -20.39
O2 EDO R . -3.01 -2.72 -21.19
H11 EDO R . -4.10 -0.31 -21.52
H12 EDO R . -3.68 0.33 -19.92
HO1 EDO R . -5.84 -0.50 -19.95
H21 EDO R . -1.84 -1.06 -20.75
H22 EDO R . -2.59 -1.84 -19.36
HO2 EDO R . -2.25 -3.31 -21.15
C1 EDO S . 22.01 -8.41 5.52
O1 EDO S . 21.30 -9.67 5.50
C2 EDO S . 22.79 -8.25 4.22
O2 EDO S . 22.42 -7.12 3.46
H11 EDO S . 21.30 -7.59 5.64
H12 EDO S . 22.69 -8.39 6.37
HO1 EDO S . 20.84 -9.80 6.34
H21 EDO S . 23.86 -8.19 4.45
H22 EDO S . 22.63 -9.16 3.60
HO2 EDO S . 22.95 -7.08 2.66
C1 EDO T . 10.13 1.66 -9.80
O1 EDO T . 9.47 0.58 -10.48
C2 EDO T . 11.65 1.60 -9.99
O2 EDO T . 12.22 0.50 -9.27
H11 EDO T . 9.76 2.61 -10.19
H12 EDO T . 9.90 1.61 -8.73
HO1 EDO T . 8.50 0.71 -10.43
H21 EDO T . 11.88 1.49 -11.05
H22 EDO T . 12.09 2.53 -9.65
HO2 EDO T . 13.17 0.47 -9.42
C1 EDO U . 22.40 6.43 -1.68
O1 EDO U . 21.04 6.55 -1.26
C2 EDO U . 23.31 6.82 -0.50
O2 EDO U . 24.63 6.33 -0.73
H11 EDO U . 22.62 5.42 -2.00
H12 EDO U . 22.60 7.10 -2.52
HO1 EDO U . 20.46 6.26 -1.98
H21 EDO U . 23.32 7.90 -0.40
H22 EDO U . 22.90 6.39 0.42
HO2 EDO U . 25.18 6.52 0.05
C1 EDO V . 8.47 -3.87 -1.86
O1 EDO V . 7.72 -4.12 -0.67
C2 EDO V . 9.89 -3.49 -1.46
O2 EDO V . 9.78 -2.28 -0.70
H11 EDO V . 8.48 -4.76 -2.49
H12 EDO V . 8.01 -3.06 -2.43
HO1 EDO V . 6.79 -3.94 -0.83
H21 EDO V . 10.33 -4.28 -0.86
H22 EDO V . 10.51 -3.33 -2.34
HO2 EDO V . 10.67 -2.00 -0.42
C1 EDO W . 28.40 7.78 -10.46
O1 EDO W . 27.96 8.07 -9.13
C2 EDO W . 27.91 8.84 -11.44
O2 EDO W . 27.62 10.05 -10.73
H11 EDO W . 29.50 7.73 -10.49
H12 EDO W . 28.02 6.79 -10.77
HO1 EDO W . 28.25 7.37 -8.53
H21 EDO W . 28.68 9.04 -12.19
H22 EDO W . 27.01 8.49 -11.95
HO2 EDO W . 27.01 10.60 -11.25
C1 EDO X . 19.15 -2.32 0.25
O1 EDO X . 20.52 -2.48 -0.12
C2 EDO X . 19.06 -1.18 1.26
O2 EDO X . 19.33 0.05 0.60
H11 EDO X . 18.77 -3.25 0.69
H12 EDO X . 18.55 -2.10 -0.63
HO1 EDO X . 20.60 -3.18 -0.78
H21 EDO X . 18.07 -1.16 1.70
H22 EDO X . 19.79 -1.34 2.06
HO2 EDO X . 19.32 0.78 1.24
S SO4 Y . 14.37 -1.72 -22.78
O1 SO4 Y . 13.68 -1.28 -21.57
O2 SO4 Y . 15.40 -0.72 -23.17
O3 SO4 Y . 13.44 -1.85 -23.89
O4 SO4 Y . 15.04 -2.99 -22.49
#